data_5XD0
#
_entry.id   5XD0
#
_cell.length_a   46.721
_cell.length_b   64.161
_cell.length_c   70.502
_cell.angle_alpha   71.04
_cell.angle_beta   77.07
_cell.angle_gamma   75.60
#
_symmetry.space_group_name_H-M   'P 1'
#
loop_
_entity.id
_entity.type
_entity.pdbx_description
1 polymer Glucanase
2 non-polymer 'TRIETHYLENE GLYCOL'
3 non-polymer DI(HYDROXYETHYL)ETHER
4 water water
#
_entity_poly.entity_id   1
_entity_poly.type   'polypeptide(L)'
_entity_poly.pdbx_seq_one_letter_code
;MRKNRGFSVSSKAVMMCCLAFLLIPASFAFAAPNKPFPQHTTYTSGSIKPNHVTQSAMDNSVKAKWDSWKSAYLKTAGTG
KYYVKYQSNGDTVSEAHGYGMLATVLMAGYDSNAQTYFDGLYQYYKAHPSSNNSKLMAWKQNSSFQNIEGDDSATDGDMD
IAYSLLLADKQWGSSGSINYLQAGKDIINAIMQSDVNQSQWTLRLGDWATDNTFKNATRPSDFMLNHLKAFQAATGDARW
ANVIDKTYTIINSLYNGYSSSTGLLPDFVVLSGSTYKPASADFLEGANDGSYDYNSCRTPWRITTDYLMTGDSRALNQLN
QMNSWISAKVSGNPSNVKDGYKLNGTVTGSGGSGAFYAPFGVSAMTSSVNQNWLNSVWTKTAGSSNEGYYEDSIKLFSMI
VMSGNWWTY
;
_entity_poly.pdbx_strand_id   A,B
#
# COMPACT_ATOMS: atom_id res chain seq x y z
N ALA A 32 24.58 -18.99 -38.64
CA ALA A 32 23.15 -18.60 -38.76
C ALA A 32 22.57 -18.40 -37.39
N PRO A 33 21.55 -17.54 -37.27
CA PRO A 33 20.97 -17.18 -35.95
C PRO A 33 20.23 -18.33 -35.28
N ASN A 34 20.42 -18.50 -33.97
CA ASN A 34 19.80 -19.60 -33.27
C ASN A 34 18.31 -19.40 -32.95
N LYS A 35 17.86 -18.16 -32.84
CA LYS A 35 16.48 -17.80 -32.52
C LYS A 35 15.94 -16.85 -33.56
N PRO A 36 15.86 -17.31 -34.80
CA PRO A 36 15.51 -16.42 -35.88
C PRO A 36 14.04 -15.92 -35.72
N PHE A 37 13.80 -14.66 -36.04
CA PHE A 37 12.42 -14.13 -36.11
C PHE A 37 11.70 -14.92 -37.23
N PRO A 38 10.49 -15.44 -37.03
CA PRO A 38 9.67 -15.26 -35.81
C PRO A 38 9.79 -16.48 -34.96
N GLN A 39 9.93 -16.31 -33.66
CA GLN A 39 10.13 -17.47 -32.76
C GLN A 39 8.85 -18.13 -32.30
N HIS A 40 7.71 -17.45 -32.39
CA HIS A 40 6.38 -18.03 -32.00
C HIS A 40 6.48 -18.63 -30.57
N THR A 41 6.94 -17.79 -29.68
CA THR A 41 7.09 -18.12 -28.25
C THR A 41 5.78 -18.40 -27.58
N THR A 42 5.74 -19.48 -26.80
CA THR A 42 4.66 -19.81 -25.92
C THR A 42 4.73 -19.00 -24.63
N TYR A 43 3.74 -18.16 -24.43
CA TYR A 43 3.64 -17.38 -23.22
C TYR A 43 2.86 -18.13 -22.16
N THR A 44 2.84 -17.59 -20.93
CA THR A 44 2.24 -18.35 -19.82
C THR A 44 0.82 -18.72 -20.09
N SER A 45 0.38 -19.76 -19.40
CA SER A 45 -1.00 -20.31 -19.61
C SER A 45 -2.00 -19.24 -19.24
N GLY A 46 -3.04 -19.12 -20.07
CA GLY A 46 -4.17 -18.22 -19.87
C GLY A 46 -3.94 -16.89 -20.58
N SER A 47 -2.72 -16.58 -20.98
CA SER A 47 -2.47 -15.37 -21.79
C SER A 47 -3.08 -15.56 -23.21
N ILE A 48 -3.27 -14.47 -23.91
CA ILE A 48 -3.86 -14.49 -25.25
C ILE A 48 -3.03 -13.66 -26.21
N LYS A 49 -3.20 -13.95 -27.52
CA LYS A 49 -2.67 -13.13 -28.58
C LYS A 49 -3.85 -12.64 -29.43
N PRO A 50 -3.60 -11.69 -30.32
CA PRO A 50 -4.71 -11.29 -31.20
C PRO A 50 -5.19 -12.46 -32.04
N ASN A 51 -6.48 -12.54 -32.26
CA ASN A 51 -7.04 -13.72 -32.89
C ASN A 51 -8.05 -13.42 -34.02
N HIS A 52 -7.99 -12.20 -34.55
CA HIS A 52 -8.86 -11.70 -35.65
C HIS A 52 -8.03 -11.60 -36.95
N VAL A 53 -6.74 -11.95 -36.82
CA VAL A 53 -5.78 -11.89 -37.92
C VAL A 53 -4.97 -13.16 -37.83
N THR A 54 -4.30 -13.53 -38.92
CA THR A 54 -3.50 -14.73 -38.92
C THR A 54 -2.12 -14.47 -38.30
N GLN A 55 -1.48 -15.55 -37.84
CA GLN A 55 -0.13 -15.45 -37.39
C GLN A 55 0.83 -14.95 -38.47
N SER A 56 0.69 -15.39 -39.71
CA SER A 56 1.57 -14.87 -40.72
C SER A 56 1.36 -13.34 -40.99
N ALA A 57 0.14 -12.87 -40.93
CA ALA A 57 -0.14 -11.43 -41.07
C ALA A 57 0.50 -10.65 -39.92
N MET A 58 0.46 -11.20 -38.72
CA MET A 58 1.18 -10.55 -37.63
C MET A 58 2.66 -10.49 -37.85
N ASP A 59 3.21 -11.62 -38.28
CA ASP A 59 4.69 -11.69 -38.42
C ASP A 59 5.11 -10.69 -39.50
N ASN A 60 4.34 -10.66 -40.57
CA ASN A 60 4.65 -9.76 -41.64
C ASN A 60 4.45 -8.29 -41.30
N SER A 61 3.50 -7.98 -40.41
CA SER A 61 3.40 -6.65 -39.91
C SER A 61 4.61 -6.19 -39.13
N VAL A 62 5.12 -7.05 -38.29
CA VAL A 62 6.32 -6.75 -37.55
C VAL A 62 7.48 -6.49 -38.51
N LYS A 63 7.60 -7.34 -39.49
CA LYS A 63 8.68 -7.22 -40.47
C LYS A 63 8.59 -5.86 -41.10
N ALA A 64 7.38 -5.48 -41.54
CA ALA A 64 7.15 -4.18 -42.17
C ALA A 64 7.50 -2.99 -41.23
N LYS A 65 7.11 -3.11 -39.95
CA LYS A 65 7.48 -2.09 -39.01
C LYS A 65 8.98 -2.04 -38.74
N TRP A 66 9.63 -3.18 -38.69
CA TRP A 66 11.07 -3.12 -38.54
C TRP A 66 11.75 -2.38 -39.72
N ASP A 67 11.32 -2.69 -40.94
CA ASP A 67 11.94 -2.04 -42.11
C ASP A 67 11.73 -0.52 -42.09
N SER A 68 10.56 -0.11 -41.70
CA SER A 68 10.27 1.29 -41.57
C SER A 68 11.00 1.96 -40.41
N TRP A 69 11.18 1.25 -39.29
CA TRP A 69 11.93 1.77 -38.17
C TRP A 69 13.39 2.01 -38.58
N LYS A 70 14.02 0.97 -39.07
CA LYS A 70 15.43 1.12 -39.45
C LYS A 70 15.62 2.20 -40.49
N SER A 71 14.71 2.31 -41.46
CA SER A 71 14.81 3.33 -42.54
C SER A 71 14.80 4.75 -41.92
N ALA A 72 14.06 4.90 -40.86
CA ALA A 72 13.94 6.23 -40.26
C ALA A 72 15.01 6.53 -39.24
N TYR A 73 15.42 5.51 -38.46
CA TYR A 73 16.12 5.73 -37.19
C TYR A 73 17.50 5.13 -37.11
N LEU A 74 17.80 4.10 -37.90
CA LEU A 74 19.07 3.39 -37.74
C LEU A 74 20.06 3.95 -38.75
N LYS A 75 21.11 4.59 -38.24
CA LYS A 75 22.05 5.36 -39.07
C LYS A 75 23.48 4.98 -38.82
N THR A 76 24.36 5.15 -39.81
CA THR A 76 25.76 4.96 -39.54
C THR A 76 26.27 6.07 -38.64
N ALA A 77 27.33 5.73 -37.91
CA ALA A 77 27.94 6.64 -36.97
C ALA A 77 29.48 6.66 -37.07
N GLY A 78 29.99 6.76 -38.30
CA GLY A 78 31.44 6.60 -38.56
C GLY A 78 31.74 5.13 -38.65
N THR A 79 32.93 4.81 -39.13
CA THR A 79 33.20 3.44 -39.55
C THR A 79 33.05 2.48 -38.43
N GLY A 80 32.41 1.37 -38.70
CA GLY A 80 32.20 0.27 -37.76
C GLY A 80 31.12 0.52 -36.71
N LYS A 81 30.38 1.62 -36.82
CA LYS A 81 29.43 2.07 -35.79
C LYS A 81 28.08 2.41 -36.38
N TYR A 82 27.04 2.12 -35.62
CA TYR A 82 25.71 2.56 -35.96
C TYR A 82 25.20 3.22 -34.70
N TYR A 83 24.15 3.99 -34.87
CA TYR A 83 23.44 4.66 -33.77
C TYR A 83 22.00 4.86 -34.14
N VAL A 84 21.20 5.29 -33.17
CA VAL A 84 19.79 5.52 -33.37
C VAL A 84 19.51 6.99 -33.29
N LYS A 85 18.89 7.54 -34.32
CA LYS A 85 18.53 8.96 -34.34
C LYS A 85 17.20 9.18 -33.66
N TYR A 86 17.28 9.73 -32.47
CA TYR A 86 16.09 9.84 -31.63
C TYR A 86 15.31 11.10 -31.85
N GLN A 87 15.96 12.11 -32.46
CA GLN A 87 15.27 13.32 -32.80
C GLN A 87 15.68 13.76 -34.18
N SER A 88 14.90 14.71 -34.73
CA SER A 88 15.13 15.18 -36.12
C SER A 88 16.50 15.72 -36.38
N ASN A 89 17.02 16.38 -35.39
CA ASN A 89 18.35 16.98 -35.58
C ASN A 89 19.51 15.95 -35.51
N GLY A 90 19.20 14.66 -35.33
CA GLY A 90 20.27 13.67 -35.38
C GLY A 90 20.90 13.35 -34.03
N ASP A 91 20.44 13.96 -32.93
CA ASP A 91 20.92 13.59 -31.59
C ASP A 91 20.47 12.13 -31.23
N THR A 92 21.11 11.58 -30.17
CA THR A 92 20.72 10.30 -29.61
C THR A 92 20.80 10.28 -28.08
N VAL A 93 20.15 9.26 -27.52
CA VAL A 93 20.21 8.96 -26.14
C VAL A 93 20.42 7.47 -25.95
N SER A 94 20.93 7.09 -24.79
CA SER A 94 21.17 5.70 -24.50
C SER A 94 19.88 4.82 -24.50
N GLU A 95 18.75 5.39 -24.15
CA GLU A 95 17.46 4.69 -24.29
C GLU A 95 17.25 4.21 -25.73
N ALA A 96 17.54 5.08 -26.67
CA ALA A 96 17.35 4.80 -28.10
C ALA A 96 18.35 3.77 -28.54
N HIS A 97 19.54 3.88 -27.99
CA HIS A 97 20.56 2.97 -28.31
C HIS A 97 20.18 1.56 -27.92
N GLY A 98 19.70 1.44 -26.69
CA GLY A 98 19.32 0.14 -26.22
C GLY A 98 18.13 -0.42 -26.93
N TYR A 99 17.17 0.42 -27.35
CA TYR A 99 16.08 -0.07 -28.24
C TYR A 99 16.62 -0.56 -29.58
N GLY A 100 17.62 0.14 -30.16
CA GLY A 100 18.25 -0.38 -31.39
C GLY A 100 18.93 -1.73 -31.21
N MET A 101 19.65 -1.86 -30.11
CA MET A 101 20.35 -3.12 -29.82
C MET A 101 19.33 -4.27 -29.65
N LEU A 102 18.31 -4.04 -28.83
CA LEU A 102 17.29 -5.03 -28.58
C LEU A 102 16.59 -5.46 -29.90
N ALA A 103 16.22 -4.49 -30.72
CA ALA A 103 15.45 -4.78 -31.90
C ALA A 103 16.30 -5.56 -32.90
N THR A 104 17.57 -5.19 -33.03
CA THR A 104 18.41 -5.80 -34.04
C THR A 104 18.59 -7.26 -33.67
N VAL A 105 18.72 -7.57 -32.42
CA VAL A 105 18.91 -8.96 -32.06
C VAL A 105 17.62 -9.78 -32.23
N LEU A 106 16.47 -9.21 -31.85
CA LEU A 106 15.20 -9.87 -32.06
C LEU A 106 14.85 -10.12 -33.52
N MET A 107 15.25 -9.22 -34.40
CA MET A 107 14.95 -9.27 -35.84
C MET A 107 15.92 -10.03 -36.70
N ALA A 108 16.93 -10.61 -36.09
CA ALA A 108 17.85 -11.52 -36.79
C ALA A 108 17.03 -12.71 -37.29
N GLY A 109 17.42 -13.31 -38.39
CA GLY A 109 16.62 -14.37 -38.95
C GLY A 109 15.81 -13.74 -40.09
N TYR A 110 15.13 -12.63 -39.81
CA TYR A 110 14.54 -11.83 -40.88
C TYR A 110 15.58 -10.92 -41.57
N ASP A 111 16.28 -10.12 -40.80
CA ASP A 111 17.15 -9.07 -41.36
C ASP A 111 18.52 -9.71 -41.45
N SER A 112 18.97 -9.97 -42.65
CA SER A 112 20.26 -10.66 -42.80
C SER A 112 21.48 -9.80 -42.30
N ASN A 113 21.34 -8.49 -42.19
CA ASN A 113 22.37 -7.61 -41.62
C ASN A 113 22.27 -7.36 -40.11
N ALA A 114 21.34 -8.07 -39.44
CA ALA A 114 21.12 -7.87 -37.96
C ALA A 114 22.39 -7.85 -37.12
N GLN A 115 23.29 -8.81 -37.37
CA GLN A 115 24.49 -8.86 -36.54
C GLN A 115 25.46 -7.71 -36.85
N THR A 116 25.54 -7.27 -38.10
CA THR A 116 26.36 -6.13 -38.43
C THR A 116 25.88 -4.88 -37.74
N TYR A 117 24.56 -4.67 -37.77
CA TYR A 117 23.95 -3.56 -37.07
C TYR A 117 24.21 -3.63 -35.57
N PHE A 118 23.92 -4.78 -34.97
CA PHE A 118 24.15 -4.97 -33.54
C PHE A 118 25.59 -4.68 -33.13
N ASP A 119 26.53 -5.24 -33.88
CA ASP A 119 27.95 -5.03 -33.61
C ASP A 119 28.37 -3.60 -33.72
N GLY A 120 27.83 -2.90 -34.71
CA GLY A 120 28.09 -1.52 -34.88
C GLY A 120 27.51 -0.72 -33.73
N LEU A 121 26.29 -1.05 -33.31
CA LEU A 121 25.71 -0.40 -32.14
C LEU A 121 26.56 -0.68 -30.87
N TYR A 122 27.03 -1.91 -30.73
CA TYR A 122 27.91 -2.24 -29.65
C TYR A 122 29.15 -1.31 -29.62
N GLN A 123 29.81 -1.16 -30.76
CA GLN A 123 30.99 -0.32 -30.82
C GLN A 123 30.72 1.12 -30.49
N TYR A 124 29.54 1.64 -30.84
CA TYR A 124 29.14 2.97 -30.46
C TYR A 124 28.96 3.11 -28.95
N TYR A 125 28.32 2.12 -28.34
CA TYR A 125 28.18 2.07 -26.86
C TYR A 125 29.56 2.05 -26.17
N LYS A 126 30.47 1.24 -26.69
CA LYS A 126 31.82 1.12 -26.10
C LYS A 126 32.57 2.43 -26.22
N ALA A 127 32.28 3.23 -27.23
CA ALA A 127 32.96 4.50 -27.40
C ALA A 127 32.38 5.63 -26.55
N HIS A 128 31.24 5.39 -25.90
CA HIS A 128 30.57 6.39 -25.07
C HIS A 128 30.33 5.91 -23.65
N PRO A 129 31.44 5.63 -22.90
CA PRO A 129 31.33 5.26 -21.50
C PRO A 129 30.84 6.40 -20.63
N SER A 130 30.01 6.08 -19.67
CA SER A 130 29.59 7.03 -18.67
C SER A 130 30.83 7.53 -17.92
N SER A 131 30.76 8.75 -17.46
CA SER A 131 31.86 9.27 -16.62
C SER A 131 31.89 8.67 -15.24
N ASN A 132 30.84 7.96 -14.80
CA ASN A 132 30.87 7.34 -13.45
C ASN A 132 31.20 5.84 -13.40
N ASN A 133 30.85 5.13 -14.42
CA ASN A 133 31.20 3.71 -14.43
C ASN A 133 31.43 3.43 -15.90
N SER A 134 32.62 3.02 -16.23
CA SER A 134 33.03 2.96 -17.63
C SER A 134 32.30 1.88 -18.43
N LYS A 135 31.57 0.97 -17.77
CA LYS A 135 30.79 -0.04 -18.50
C LYS A 135 29.40 0.43 -18.79
N LEU A 136 28.97 1.52 -18.19
CA LEU A 136 27.63 2.06 -18.48
C LEU A 136 27.78 3.06 -19.62
N MET A 137 26.68 3.58 -20.14
CA MET A 137 26.72 4.46 -21.29
C MET A 137 26.39 5.91 -20.96
N ALA A 138 27.22 6.81 -21.46
CA ALA A 138 26.88 8.25 -21.41
C ALA A 138 25.54 8.47 -22.12
N TRP A 139 24.62 9.14 -21.43
CA TRP A 139 23.21 9.04 -21.83
C TRP A 139 22.76 9.80 -23.06
N LYS A 140 23.49 10.84 -23.46
CA LYS A 140 23.07 11.69 -24.57
C LYS A 140 24.21 12.24 -25.35
N GLN A 141 24.09 12.11 -26.67
CA GLN A 141 25.05 12.71 -27.63
C GLN A 141 24.33 13.63 -28.64
N ASN A 142 25.12 14.59 -29.18
CA ASN A 142 24.66 15.40 -30.29
C ASN A 142 24.89 14.63 -31.57
N SER A 143 24.61 15.28 -32.70
CA SER A 143 24.63 14.68 -34.00
C SER A 143 26.03 14.45 -34.52
N SER A 144 27.06 14.99 -33.87
CA SER A 144 28.46 14.58 -34.09
C SER A 144 28.99 13.56 -33.10
N PHE A 145 28.08 12.98 -32.29
CA PHE A 145 28.39 11.86 -31.38
C PHE A 145 29.26 12.27 -30.22
N GLN A 146 29.19 13.55 -29.83
CA GLN A 146 29.82 14.05 -28.65
C GLN A 146 28.81 14.04 -27.56
N ASN A 147 29.25 13.75 -26.37
CA ASN A 147 28.37 13.73 -25.21
C ASN A 147 27.91 15.15 -24.91
N ILE A 148 26.64 15.29 -24.68
CA ILE A 148 26.06 16.56 -24.22
C ILE A 148 25.16 16.36 -23.02
N GLU A 149 24.77 17.47 -22.38
CA GLU A 149 23.89 17.43 -21.21
C GLU A 149 24.30 16.50 -20.12
N GLY A 150 25.60 16.37 -19.91
CA GLY A 150 26.11 15.56 -18.83
C GLY A 150 26.37 14.16 -19.30
N ASP A 151 27.47 13.59 -18.85
CA ASP A 151 27.93 12.29 -19.38
C ASP A 151 27.73 11.16 -18.39
N ASP A 152 26.66 11.24 -17.60
CA ASP A 152 26.30 10.23 -16.64
C ASP A 152 25.37 9.26 -17.40
N SER A 153 25.06 8.12 -16.78
CA SER A 153 24.21 7.09 -17.42
C SER A 153 22.74 7.32 -17.12
N ALA A 154 21.93 6.56 -17.86
CA ALA A 154 20.52 6.45 -17.59
C ALA A 154 20.24 4.97 -17.41
N THR A 155 19.59 4.62 -16.35
CA THR A 155 19.49 3.19 -15.99
C THR A 155 18.75 2.37 -17.04
N ASP A 156 17.72 2.92 -17.64
CA ASP A 156 16.96 2.11 -18.63
C ASP A 156 17.77 1.76 -19.89
N GLY A 157 18.50 2.75 -20.39
CA GLY A 157 19.37 2.51 -21.56
C GLY A 157 20.40 1.47 -21.18
N ASP A 158 20.99 1.62 -19.99
CA ASP A 158 21.94 0.60 -19.52
C ASP A 158 21.35 -0.82 -19.51
N MET A 159 20.17 -0.93 -18.92
CA MET A 159 19.48 -2.21 -18.82
C MET A 159 19.17 -2.86 -20.16
N ASP A 160 18.70 -2.09 -21.16
CA ASP A 160 18.38 -2.67 -22.43
C ASP A 160 19.66 -3.09 -23.18
N ILE A 161 20.73 -2.30 -23.03
CA ILE A 161 22.01 -2.66 -23.65
C ILE A 161 22.47 -3.97 -23.05
N ALA A 162 22.41 -4.05 -21.73
CA ALA A 162 22.81 -5.28 -21.03
C ALA A 162 21.98 -6.53 -21.44
N TYR A 163 20.68 -6.34 -21.48
CA TYR A 163 19.78 -7.45 -21.86
C TYR A 163 20.02 -7.86 -23.33
N SER A 164 20.21 -6.87 -24.20
CA SER A 164 20.45 -7.16 -25.60
C SER A 164 21.68 -7.99 -25.80
N LEU A 165 22.73 -7.79 -24.96
CA LEU A 165 23.93 -8.62 -25.02
C LEU A 165 23.69 -10.06 -24.59
N LEU A 166 22.82 -10.30 -23.60
CA LEU A 166 22.46 -11.67 -23.27
C LEU A 166 21.69 -12.29 -24.39
N LEU A 167 20.77 -11.51 -24.99
CA LEU A 167 20.06 -12.06 -26.17
C LEU A 167 21.00 -12.37 -27.34
N ALA A 168 21.96 -11.51 -27.55
CA ALA A 168 22.99 -11.73 -28.60
C ALA A 168 23.77 -13.04 -28.37
N ASP A 169 24.12 -13.33 -27.12
CA ASP A 169 24.76 -14.61 -26.79
C ASP A 169 23.85 -15.79 -27.18
N LYS A 170 22.59 -15.68 -26.93
CA LYS A 170 21.63 -16.72 -27.37
C LYS A 170 21.45 -16.78 -28.88
N GLN A 171 21.49 -15.63 -29.51
CA GLN A 171 21.19 -15.54 -30.92
C GLN A 171 22.34 -16.01 -31.78
N TRP A 172 23.55 -15.52 -31.45
CA TRP A 172 24.71 -15.77 -32.29
C TRP A 172 25.81 -16.53 -31.59
N GLY A 173 25.77 -16.69 -30.30
CA GLY A 173 26.91 -17.26 -29.57
C GLY A 173 27.92 -16.18 -29.30
N SER A 174 28.81 -16.50 -28.37
CA SER A 174 29.82 -15.56 -27.89
C SER A 174 31.27 -15.90 -28.35
N SER A 175 31.38 -16.67 -29.43
CA SER A 175 32.64 -17.17 -29.91
C SER A 175 33.24 -16.32 -30.97
N GLY A 176 32.53 -15.31 -31.49
CA GLY A 176 33.00 -14.46 -32.54
C GLY A 176 33.85 -13.29 -32.06
N SER A 177 33.89 -12.21 -32.84
CA SER A 177 34.78 -11.11 -32.52
C SER A 177 34.35 -10.36 -31.26
N ILE A 178 33.07 -10.47 -30.88
CA ILE A 178 32.62 -9.91 -29.59
C ILE A 178 32.03 -10.98 -28.68
N ASN A 179 32.58 -11.08 -27.48
CA ASN A 179 32.11 -12.04 -26.51
C ASN A 179 30.89 -11.39 -25.83
N TYR A 180 29.73 -11.64 -26.44
CA TYR A 180 28.47 -10.93 -25.99
C TYR A 180 28.14 -11.24 -24.55
N LEU A 181 28.32 -12.49 -24.14
CA LEU A 181 28.02 -12.88 -22.82
C LEU A 181 28.88 -12.23 -21.80
N GLN A 182 30.15 -12.11 -22.08
CA GLN A 182 31.00 -11.45 -21.16
C GLN A 182 30.76 -9.95 -21.13
N ALA A 183 30.51 -9.35 -22.27
CA ALA A 183 30.19 -7.93 -22.35
C ALA A 183 28.93 -7.71 -21.52
N GLY A 184 28.00 -8.65 -21.62
CA GLY A 184 26.76 -8.49 -20.95
C GLY A 184 26.94 -8.62 -19.48
N LYS A 185 27.68 -9.62 -19.03
CA LYS A 185 27.97 -9.69 -17.61
C LYS A 185 28.64 -8.44 -17.05
N ASP A 186 29.59 -7.90 -17.80
CA ASP A 186 30.32 -6.74 -17.32
C ASP A 186 29.39 -5.52 -17.10
N ILE A 187 28.47 -5.28 -18.03
CA ILE A 187 27.54 -4.18 -17.88
C ILE A 187 26.51 -4.45 -16.78
N ILE A 188 26.03 -5.71 -16.70
CA ILE A 188 25.09 -6.08 -15.66
C ILE A 188 25.73 -5.82 -14.28
N ASN A 189 26.98 -6.28 -14.12
CA ASN A 189 27.65 -6.03 -12.83
C ASN A 189 27.81 -4.56 -12.54
N ALA A 190 28.01 -3.78 -13.58
CA ALA A 190 28.07 -2.28 -13.45
C ALA A 190 26.78 -1.63 -13.10
N ILE A 191 25.69 -2.16 -13.66
CA ILE A 191 24.40 -1.69 -13.27
C ILE A 191 24.22 -1.92 -11.76
N MET A 192 24.57 -3.10 -11.26
CA MET A 192 24.42 -3.37 -9.86
C MET A 192 25.31 -2.44 -9.03
N GLN A 193 26.52 -2.26 -9.49
CA GLN A 193 27.50 -1.41 -8.79
C GLN A 193 27.11 0.05 -8.67
N SER A 194 26.57 0.59 -9.75
CA SER A 194 26.39 2.04 -9.87
C SER A 194 24.96 2.50 -10.11
N ASP A 195 24.08 1.65 -10.66
CA ASP A 195 22.70 2.07 -10.99
C ASP A 195 21.69 1.46 -10.02
N VAL A 196 22.13 0.68 -9.04
CA VAL A 196 21.23 0.09 -8.00
C VAL A 196 21.56 0.64 -6.64
N ASN A 197 20.52 1.15 -5.99
CA ASN A 197 20.61 1.52 -4.58
C ASN A 197 20.54 0.25 -3.74
N GLN A 198 21.67 -0.17 -3.22
CA GLN A 198 21.76 -1.41 -2.49
C GLN A 198 21.39 -1.32 -0.99
N SER A 199 21.03 -0.13 -0.54
CA SER A 199 20.38 -0.01 0.73
C SER A 199 18.91 -0.33 0.65
N GLN A 200 18.29 0.09 -0.45
CA GLN A 200 16.88 -0.07 -0.64
C GLN A 200 16.53 -1.14 -1.66
N TRP A 201 17.50 -1.66 -2.38
CA TRP A 201 17.24 -2.58 -3.47
C TRP A 201 16.27 -2.01 -4.50
N THR A 202 16.53 -0.77 -4.87
CA THR A 202 15.77 -0.13 -5.95
C THR A 202 16.74 0.28 -7.06
N LEU A 203 16.22 0.36 -8.25
CA LEU A 203 16.96 0.90 -9.38
C LEU A 203 17.01 2.41 -9.31
N ARG A 204 18.23 2.97 -9.41
CA ARG A 204 18.36 4.37 -9.47
C ARG A 204 17.94 4.92 -10.84
N LEU A 205 17.80 6.23 -10.93
CA LEU A 205 17.49 6.88 -12.21
C LEU A 205 18.69 6.78 -13.16
N GLY A 206 19.86 6.74 -12.55
CA GLY A 206 21.09 6.58 -13.29
C GLY A 206 22.24 6.63 -12.33
N ASP A 207 23.46 6.54 -12.85
CA ASP A 207 24.61 6.41 -11.95
C ASP A 207 25.01 7.70 -11.29
N TRP A 208 24.34 8.82 -11.62
CA TRP A 208 24.49 10.12 -10.95
C TRP A 208 23.58 10.24 -9.71
N ALA A 209 22.60 9.33 -9.53
CA ALA A 209 21.44 9.62 -8.63
C ALA A 209 21.73 9.05 -7.25
N THR A 210 22.59 9.78 -6.53
CA THR A 210 23.16 9.28 -5.26
C THR A 210 23.00 10.26 -4.15
N ASP A 211 22.52 11.46 -4.41
CA ASP A 211 22.36 12.44 -3.32
C ASP A 211 21.05 12.27 -2.56
N ASN A 212 20.82 13.09 -1.55
CA ASN A 212 19.65 12.89 -0.70
C ASN A 212 18.34 13.09 -1.43
N THR A 213 18.30 13.96 -2.42
CA THR A 213 17.08 14.15 -3.16
C THR A 213 16.76 12.96 -4.07
N PHE A 214 17.76 12.32 -4.66
CA PHE A 214 17.47 11.42 -5.81
C PHE A 214 17.81 9.98 -5.51
N LYS A 215 18.58 9.71 -4.44
CA LYS A 215 19.10 8.37 -4.24
C LYS A 215 18.07 7.29 -4.08
N ASN A 216 16.95 7.63 -3.47
CA ASN A 216 15.89 6.64 -3.26
C ASN A 216 14.79 6.66 -4.29
N ALA A 217 14.85 7.57 -5.25
CA ALA A 217 13.84 7.70 -6.30
C ALA A 217 14.03 6.57 -7.30
N THR A 218 12.95 6.27 -8.00
CA THR A 218 12.97 5.21 -8.99
C THR A 218 11.96 5.56 -10.07
N ARG A 219 12.20 5.02 -11.26
CA ARG A 219 11.30 5.25 -12.40
C ARG A 219 10.58 3.93 -12.77
N PRO A 220 9.22 3.88 -12.63
CA PRO A 220 8.57 2.61 -12.88
C PRO A 220 8.80 2.01 -14.29
N SER A 221 9.04 2.88 -15.29
CA SER A 221 9.34 2.33 -16.64
C SER A 221 10.66 1.52 -16.68
N ASP A 222 11.52 1.67 -15.67
CA ASP A 222 12.71 0.86 -15.52
C ASP A 222 12.36 -0.48 -14.88
N PHE A 223 11.09 -0.79 -14.54
CA PHE A 223 10.77 -2.04 -13.78
C PHE A 223 10.64 -3.16 -14.75
N MET A 224 11.77 -3.48 -15.36
CA MET A 224 11.78 -4.50 -16.39
C MET A 224 12.12 -5.81 -15.70
N LEU A 225 11.12 -6.35 -15.02
CA LEU A 225 11.37 -7.39 -14.05
C LEU A 225 11.96 -8.60 -14.74
N ASN A 226 11.52 -8.86 -15.96
CA ASN A 226 12.03 -10.03 -16.64
C ASN A 226 13.48 -9.85 -17.12
N HIS A 227 13.89 -8.60 -17.39
CA HIS A 227 15.36 -8.35 -17.62
C HIS A 227 16.10 -8.73 -16.37
N LEU A 228 15.57 -8.38 -15.21
CA LEU A 228 16.29 -8.61 -13.97
C LEU A 228 16.51 -10.10 -13.64
N LYS A 229 15.51 -10.90 -13.98
CA LYS A 229 15.62 -12.34 -13.88
C LYS A 229 16.69 -12.87 -14.81
N ALA A 230 16.77 -12.30 -15.99
CA ALA A 230 17.82 -12.66 -16.91
C ALA A 230 19.24 -12.26 -16.34
N PHE A 231 19.33 -11.10 -15.68
CA PHE A 231 20.56 -10.67 -15.09
C PHE A 231 20.99 -11.64 -14.02
N GLN A 232 20.04 -12.06 -13.17
CA GLN A 232 20.36 -13.06 -12.12
C GLN A 232 20.86 -14.36 -12.73
N ALA A 233 20.13 -14.85 -13.74
CA ALA A 233 20.51 -16.08 -14.47
C ALA A 233 21.96 -15.98 -15.01
N ALA A 234 22.35 -14.83 -15.55
CA ALA A 234 23.66 -14.70 -16.21
C ALA A 234 24.77 -14.54 -15.22
N THR A 235 24.51 -13.94 -14.05
CA THR A 235 25.59 -13.62 -13.18
C THR A 235 25.58 -14.44 -11.90
N GLY A 236 24.46 -15.09 -11.53
CA GLY A 236 24.35 -15.71 -10.21
C GLY A 236 24.18 -14.75 -9.05
N ASP A 237 24.07 -13.44 -9.30
CA ASP A 237 23.98 -12.47 -8.27
C ASP A 237 22.51 -12.36 -7.81
N ALA A 238 22.21 -12.86 -6.62
CA ALA A 238 20.88 -12.75 -6.03
C ALA A 238 20.51 -11.37 -5.58
N ARG A 239 21.44 -10.41 -5.61
CA ARG A 239 20.97 -9.04 -5.42
C ARG A 239 19.91 -8.66 -6.41
N TRP A 240 19.93 -9.24 -7.61
CA TRP A 240 18.88 -8.97 -8.60
C TRP A 240 17.54 -9.45 -8.10
N ALA A 241 17.51 -10.55 -7.33
CA ALA A 241 16.28 -11.05 -6.76
C ALA A 241 15.75 -10.09 -5.66
N ASN A 242 16.66 -9.53 -4.88
CA ASN A 242 16.29 -8.51 -3.92
C ASN A 242 15.57 -7.34 -4.66
N VAL A 243 16.11 -6.90 -5.79
CA VAL A 243 15.54 -5.76 -6.55
C VAL A 243 14.19 -6.17 -7.16
N ILE A 244 14.10 -7.36 -7.73
CA ILE A 244 12.78 -7.85 -8.21
C ILE A 244 11.75 -7.84 -7.09
N ASP A 245 12.11 -8.44 -5.97
CA ASP A 245 11.18 -8.53 -4.82
C ASP A 245 10.72 -7.14 -4.32
N LYS A 246 11.66 -6.24 -4.16
CA LYS A 246 11.34 -4.92 -3.71
C LYS A 246 10.49 -4.18 -4.73
N THR A 247 10.84 -4.33 -6.01
CA THR A 247 10.15 -3.61 -7.06
C THR A 247 8.69 -4.10 -7.14
N TYR A 248 8.43 -5.42 -7.10
CA TYR A 248 7.02 -5.86 -6.98
C TYR A 248 6.31 -5.32 -5.77
N THR A 249 7.00 -5.25 -4.64
CA THR A 249 6.37 -4.65 -3.48
C THR A 249 5.98 -3.17 -3.74
N ILE A 250 6.84 -2.42 -4.41
CA ILE A 250 6.59 -1.02 -4.70
C ILE A 250 5.40 -0.89 -5.66
N ILE A 251 5.41 -1.70 -6.73
CA ILE A 251 4.30 -1.65 -7.69
C ILE A 251 2.97 -1.81 -6.99
N ASN A 252 2.92 -2.79 -6.11
CA ASN A 252 1.65 -3.10 -5.42
C ASN A 252 1.27 -2.05 -4.36
N SER A 253 2.27 -1.47 -3.70
CA SER A 253 2.04 -0.41 -2.73
C SER A 253 1.49 0.81 -3.46
N LEU A 254 2.09 1.18 -4.59
CA LEU A 254 1.61 2.37 -5.31
C LEU A 254 0.23 2.15 -5.90
N TYR A 255 0.02 0.94 -6.45
CA TYR A 255 -1.26 0.52 -7.03
C TYR A 255 -2.32 0.70 -5.98
N ASN A 256 -2.15 0.02 -4.87
CA ASN A 256 -3.25 0.10 -3.83
C ASN A 256 -3.41 1.49 -3.22
N GLY A 257 -2.30 2.17 -2.99
CA GLY A 257 -2.30 3.42 -2.30
C GLY A 257 -2.71 4.58 -3.17
N TYR A 258 -2.33 4.55 -4.47
CA TYR A 258 -2.42 5.74 -5.33
C TYR A 258 -3.18 5.57 -6.60
N SER A 259 -3.45 4.33 -7.04
CA SER A 259 -4.11 4.14 -8.30
C SER A 259 -4.99 2.94 -8.24
N SER A 260 -5.79 2.80 -7.17
CA SER A 260 -6.51 1.58 -7.00
C SER A 260 -7.59 1.35 -8.06
N SER A 261 -8.11 2.42 -8.69
CA SER A 261 -9.17 2.24 -9.66
C SER A 261 -8.59 2.12 -11.10
N THR A 262 -7.31 2.43 -11.27
CA THR A 262 -6.69 2.47 -12.63
C THR A 262 -5.53 1.51 -12.84
N GLY A 263 -4.80 1.12 -11.78
CA GLY A 263 -3.56 0.36 -11.99
C GLY A 263 -2.37 1.18 -12.50
N LEU A 264 -2.52 2.49 -12.69
CA LEU A 264 -1.49 3.28 -13.31
C LEU A 264 -0.32 3.61 -12.39
N LEU A 265 0.89 3.61 -12.94
CA LEU A 265 2.05 3.97 -12.13
C LEU A 265 2.60 5.33 -12.56
N PRO A 266 3.08 6.12 -11.61
CA PRO A 266 3.59 7.44 -11.92
C PRO A 266 4.94 7.42 -12.63
N ASP A 267 5.22 8.50 -13.36
CA ASP A 267 6.47 8.60 -14.05
C ASP A 267 7.67 8.43 -13.12
N PHE A 268 7.63 9.02 -11.96
CA PHE A 268 8.69 8.89 -10.97
C PHE A 268 8.09 8.58 -9.60
N VAL A 269 8.85 7.84 -8.81
CA VAL A 269 8.47 7.45 -7.48
C VAL A 269 9.61 7.90 -6.51
N VAL A 270 9.22 8.39 -5.34
CA VAL A 270 10.08 8.85 -4.28
C VAL A 270 9.75 8.15 -2.99
N LEU A 271 10.77 8.02 -2.13
CA LEU A 271 10.60 7.50 -0.82
C LEU A 271 10.48 8.69 0.14
N SER A 272 9.35 8.74 0.81
CA SER A 272 9.13 9.72 1.85
C SER A 272 8.78 8.94 3.11
N GLY A 273 9.63 9.03 4.12
CA GLY A 273 9.46 8.35 5.37
C GLY A 273 9.53 6.86 5.17
N SER A 274 8.39 6.23 5.31
CA SER A 274 8.30 4.79 5.37
C SER A 274 7.79 4.26 4.02
N THR A 275 7.36 5.14 3.13
CA THR A 275 6.48 4.76 2.00
C THR A 275 6.94 5.35 0.66
N TYR A 276 6.88 4.52 -0.39
CA TYR A 276 7.09 5.03 -1.72
C TYR A 276 5.81 5.77 -2.18
N LYS A 277 5.98 6.89 -2.88
CA LYS A 277 4.85 7.69 -3.33
C LYS A 277 5.15 8.26 -4.70
N PRO A 278 4.12 8.73 -5.42
CA PRO A 278 4.42 9.46 -6.60
C PRO A 278 5.25 10.74 -6.38
N ALA A 279 6.14 11.03 -7.28
CA ALA A 279 6.86 12.29 -7.24
C ALA A 279 5.92 13.52 -7.37
N SER A 280 6.34 14.66 -6.86
CA SER A 280 5.56 15.87 -7.08
C SER A 280 5.98 16.56 -8.38
N ALA A 281 5.17 17.53 -8.83
CA ALA A 281 5.45 18.21 -10.09
C ALA A 281 6.85 18.81 -10.09
N ASP A 282 7.53 18.72 -11.21
CA ASP A 282 8.84 19.33 -11.41
C ASP A 282 9.93 18.73 -10.53
N PHE A 283 9.71 17.51 -10.09
CA PHE A 283 10.75 16.71 -9.46
C PHE A 283 12.01 16.54 -10.31
N LEU A 284 11.84 16.22 -11.58
CA LEU A 284 12.98 15.99 -12.49
C LEU A 284 12.67 16.46 -13.93
N GLU A 285 11.51 16.15 -14.46
CA GLU A 285 11.26 16.45 -15.88
C GLU A 285 10.16 17.45 -16.12
N GLY A 286 9.09 17.49 -15.33
CA GLY A 286 7.93 18.34 -15.64
C GLY A 286 6.76 18.22 -14.74
N ALA A 287 5.66 18.80 -15.16
CA ALA A 287 4.49 18.94 -14.36
C ALA A 287 3.82 17.58 -14.06
N ASN A 288 4.03 16.58 -14.93
CA ASN A 288 3.34 15.30 -14.78
C ASN A 288 4.22 14.21 -14.20
N ASP A 289 5.28 14.60 -13.48
CA ASP A 289 6.16 13.62 -12.88
C ASP A 289 5.52 12.63 -11.94
N GLY A 290 4.44 12.98 -11.28
CA GLY A 290 3.68 12.04 -10.46
C GLY A 290 2.43 11.46 -11.08
N SER A 291 2.34 11.55 -12.41
CA SER A 291 1.23 11.05 -13.16
C SER A 291 1.71 10.04 -14.22
N TYR A 292 0.75 9.48 -14.93
CA TYR A 292 1.06 8.49 -15.95
C TYR A 292 1.39 9.21 -17.22
N ASP A 293 2.67 9.32 -17.54
CA ASP A 293 3.04 10.21 -18.65
C ASP A 293 3.99 9.51 -19.59
N TYR A 294 4.86 10.28 -20.19
CA TYR A 294 5.74 9.74 -21.26
C TYR A 294 6.79 8.76 -20.76
N ASN A 295 7.05 8.69 -19.43
CA ASN A 295 7.92 7.57 -18.98
C ASN A 295 7.08 6.31 -18.71
N SER A 296 6.03 6.46 -17.92
CA SER A 296 5.24 5.32 -17.50
C SER A 296 4.39 4.66 -18.56
N CYS A 297 4.22 5.31 -19.71
CA CYS A 297 3.44 4.72 -20.77
C CYS A 297 4.05 3.34 -21.19
N ARG A 298 5.31 3.09 -20.83
CA ARG A 298 5.98 1.84 -21.12
C ARG A 298 5.70 0.75 -20.09
N THR A 299 5.19 1.10 -18.92
CA THR A 299 5.01 0.08 -17.86
C THR A 299 4.10 -1.10 -18.20
N PRO A 300 3.02 -0.89 -18.93
CA PRO A 300 2.17 -2.04 -19.20
C PRO A 300 2.92 -3.03 -20.13
N TRP A 301 3.87 -2.54 -20.96
CA TRP A 301 4.72 -3.42 -21.75
C TRP A 301 5.78 -4.15 -20.85
N ARG A 302 6.58 -3.37 -20.16
CA ARG A 302 7.74 -3.91 -19.37
C ARG A 302 7.32 -4.83 -18.24
N ILE A 303 6.26 -4.45 -17.52
CA ILE A 303 5.82 -5.31 -16.39
C ILE A 303 5.13 -6.61 -16.84
N THR A 304 4.20 -6.53 -17.78
CA THR A 304 3.48 -7.68 -18.27
C THR A 304 4.46 -8.77 -18.82
N THR A 305 5.60 -8.34 -19.36
CA THR A 305 6.50 -9.25 -20.05
C THR A 305 6.96 -10.33 -19.05
N ASP A 306 7.16 -9.93 -17.78
CA ASP A 306 7.55 -10.95 -16.77
C ASP A 306 6.48 -12.03 -16.60
N TYR A 307 5.23 -11.58 -16.48
CA TYR A 307 4.13 -12.51 -16.39
C TYR A 307 4.05 -13.45 -17.56
N LEU A 308 4.09 -12.86 -18.74
CA LEU A 308 4.06 -13.62 -20.01
C LEU A 308 5.15 -14.70 -20.10
N MET A 309 6.36 -14.35 -19.68
CA MET A 309 7.50 -15.23 -19.77
C MET A 309 7.59 -16.24 -18.67
N THR A 310 7.02 -15.93 -17.51
CA THR A 310 7.30 -16.79 -16.32
C THR A 310 6.12 -17.26 -15.53
N GLY A 311 4.97 -16.62 -15.69
CA GLY A 311 3.83 -16.96 -14.84
C GLY A 311 3.85 -16.23 -13.52
N ASP A 312 4.87 -15.40 -13.33
CA ASP A 312 4.98 -14.69 -12.04
C ASP A 312 3.81 -13.80 -11.88
N SER A 313 2.99 -13.98 -10.88
CA SER A 313 1.74 -13.27 -10.82
C SER A 313 1.70 -12.04 -9.89
N ARG A 314 2.85 -11.56 -9.49
CA ARG A 314 2.91 -10.58 -8.40
C ARG A 314 2.43 -9.20 -8.85
N ALA A 315 2.34 -8.93 -10.14
CA ALA A 315 1.67 -7.66 -10.60
C ALA A 315 0.35 -7.91 -11.32
N LEU A 316 -0.13 -9.15 -11.33
CA LEU A 316 -1.31 -9.48 -12.12
C LEU A 316 -2.58 -8.66 -11.79
N ASN A 317 -2.87 -8.49 -10.50
CA ASN A 317 -3.99 -7.62 -10.11
C ASN A 317 -3.82 -6.19 -10.61
N GLN A 318 -2.62 -5.66 -10.50
CA GLN A 318 -2.37 -4.32 -11.01
C GLN A 318 -2.58 -4.21 -12.53
N LEU A 319 -2.05 -5.16 -13.25
CA LEU A 319 -2.16 -5.15 -14.72
C LEU A 319 -3.57 -5.35 -15.16
N ASN A 320 -4.26 -6.26 -14.48
CA ASN A 320 -5.68 -6.50 -14.74
C ASN A 320 -6.53 -5.30 -14.45
N GLN A 321 -6.22 -4.57 -13.39
CA GLN A 321 -6.97 -3.33 -13.15
C GLN A 321 -6.75 -2.33 -14.27
N MET A 322 -5.48 -2.17 -14.69
CA MET A 322 -5.24 -1.30 -15.87
C MET A 322 -6.08 -1.68 -17.09
N ASN A 323 -6.10 -2.96 -17.38
CA ASN A 323 -6.86 -3.45 -18.57
C ASN A 323 -8.30 -3.09 -18.46
N SER A 324 -8.84 -3.35 -17.28
CA SER A 324 -10.25 -3.04 -17.04
C SER A 324 -10.52 -1.56 -17.17
N TRP A 325 -9.68 -0.76 -16.53
CA TRP A 325 -9.88 0.72 -16.56
C TRP A 325 -9.71 1.30 -17.98
N ILE A 326 -8.62 0.94 -18.70
CA ILE A 326 -8.38 1.64 -19.93
C ILE A 326 -9.43 1.30 -20.97
N SER A 327 -9.80 0.03 -20.99
CA SER A 327 -10.69 -0.43 -22.08
C SER A 327 -12.07 0.22 -21.85
N ALA A 328 -12.44 0.42 -20.60
CA ALA A 328 -13.69 1.16 -20.29
C ALA A 328 -13.52 2.62 -20.54
N LYS A 329 -12.40 3.19 -20.11
CA LYS A 329 -12.17 4.64 -20.30
C LYS A 329 -12.36 5.05 -21.77
N VAL A 330 -11.87 4.23 -22.69
CA VAL A 330 -11.91 4.59 -24.11
C VAL A 330 -13.02 3.92 -24.88
N SER A 331 -13.96 3.27 -24.19
CA SER A 331 -15.05 2.55 -24.84
C SER A 331 -14.51 1.51 -25.87
N GLY A 332 -13.39 0.91 -25.52
CA GLY A 332 -12.74 -0.02 -26.38
C GLY A 332 -12.08 0.46 -27.67
N ASN A 333 -11.93 1.77 -27.89
CA ASN A 333 -11.39 2.34 -29.11
C ASN A 333 -10.02 2.92 -28.78
N PRO A 334 -8.98 2.27 -29.31
CA PRO A 334 -7.59 2.68 -29.05
C PRO A 334 -7.24 4.09 -29.51
N SER A 335 -7.98 4.61 -30.51
CA SER A 335 -7.85 5.97 -30.96
C SER A 335 -8.23 6.96 -29.90
N ASN A 336 -8.98 6.58 -28.89
CA ASN A 336 -9.32 7.49 -27.79
C ASN A 336 -8.30 7.50 -26.67
N VAL A 337 -7.25 6.65 -26.70
CA VAL A 337 -6.21 6.68 -25.64
C VAL A 337 -5.47 8.00 -25.81
N LYS A 338 -5.24 8.68 -24.71
CA LYS A 338 -4.53 9.95 -24.74
C LYS A 338 -3.15 9.80 -24.15
N ASP A 339 -2.28 10.73 -24.54
CA ASP A 339 -0.85 10.73 -24.12
C ASP A 339 -0.70 11.36 -22.73
N GLY A 340 -1.52 10.92 -21.80
CA GLY A 340 -1.29 11.17 -20.37
C GLY A 340 -2.51 11.12 -19.56
N TYR A 341 -2.34 10.59 -18.37
CA TYR A 341 -3.43 10.50 -17.40
C TYR A 341 -2.90 10.76 -16.02
N LYS A 342 -3.73 11.37 -15.20
CA LYS A 342 -3.50 11.30 -13.76
C LYS A 342 -3.73 9.89 -13.21
N LEU A 343 -3.17 9.61 -12.04
CA LEU A 343 -3.36 8.28 -11.46
C LEU A 343 -4.80 7.89 -11.15
N ASN A 344 -5.66 8.89 -10.98
CA ASN A 344 -7.07 8.64 -10.82
C ASN A 344 -7.83 8.49 -12.11
N GLY A 345 -7.12 8.56 -13.27
CA GLY A 345 -7.71 8.31 -14.56
C GLY A 345 -8.16 9.54 -15.34
N THR A 346 -7.97 10.73 -14.74
CA THR A 346 -8.26 11.99 -15.42
C THR A 346 -7.31 12.23 -16.53
N VAL A 347 -7.85 12.53 -17.71
CA VAL A 347 -7.03 12.82 -18.86
C VAL A 347 -6.15 14.01 -18.66
N THR A 348 -4.86 13.89 -18.94
CA THR A 348 -3.89 15.03 -19.00
C THR A 348 -3.32 15.24 -20.40
N GLY A 349 -3.32 14.22 -21.23
CA GLY A 349 -2.75 14.34 -22.54
C GLY A 349 -3.66 15.03 -23.52
N SER A 350 -3.06 15.51 -24.59
CA SER A 350 -3.81 16.31 -25.59
C SER A 350 -4.07 15.56 -26.93
N GLY A 351 -3.58 14.32 -27.08
CA GLY A 351 -3.61 13.65 -28.37
C GLY A 351 -3.43 12.15 -28.26
N GLY A 352 -3.68 11.47 -29.38
CA GLY A 352 -3.42 10.03 -29.48
C GLY A 352 -1.90 9.81 -29.56
N SER A 353 -1.46 8.62 -29.15
CA SER A 353 -0.02 8.31 -29.26
C SER A 353 0.17 6.79 -29.18
N GLY A 354 0.86 6.23 -30.17
CA GLY A 354 1.22 4.84 -30.08
C GLY A 354 2.12 4.47 -28.90
N ALA A 355 2.88 5.42 -28.35
CA ALA A 355 3.60 5.18 -27.12
C ALA A 355 2.71 4.84 -25.95
N PHE A 356 1.45 5.29 -26.03
CA PHE A 356 0.48 5.05 -25.00
C PHE A 356 -0.48 3.90 -25.37
N TYR A 357 -1.02 3.84 -26.57
CA TYR A 357 -1.98 2.69 -26.81
C TYR A 357 -1.30 1.34 -26.96
N ALA A 358 -0.15 1.29 -27.59
CA ALA A 358 0.45 0.03 -27.89
C ALA A 358 0.83 -0.81 -26.67
N PRO A 359 1.38 -0.19 -25.62
CA PRO A 359 1.72 -1.00 -24.42
C PRO A 359 0.44 -1.59 -23.73
N PHE A 360 -0.69 -0.92 -23.84
CA PHE A 360 -1.93 -1.51 -23.34
C PHE A 360 -2.34 -2.76 -24.09
N GLY A 361 -1.90 -2.86 -25.32
CA GLY A 361 -2.11 -4.09 -26.04
C GLY A 361 -1.40 -5.24 -25.39
N VAL A 362 -0.16 -5.00 -24.95
CA VAL A 362 0.59 -6.01 -24.28
C VAL A 362 -0.07 -6.38 -22.95
N SER A 363 -0.44 -5.40 -22.12
CA SER A 363 -1.04 -5.79 -20.88
C SER A 363 -2.36 -6.51 -21.09
N ALA A 364 -3.07 -6.17 -22.15
CA ALA A 364 -4.37 -6.85 -22.42
C ALA A 364 -4.20 -8.42 -22.54
N MET A 365 -2.97 -8.83 -22.86
CA MET A 365 -2.65 -10.22 -23.06
C MET A 365 -2.79 -11.08 -21.82
N THR A 366 -2.99 -10.48 -20.65
CA THR A 366 -3.12 -11.27 -19.43
C THR A 366 -4.36 -12.08 -19.34
N SER A 367 -5.40 -11.72 -20.07
CA SER A 367 -6.65 -12.47 -19.90
C SER A 367 -7.48 -12.48 -21.14
N SER A 368 -8.19 -13.59 -21.35
CA SER A 368 -9.05 -13.75 -22.51
C SER A 368 -10.26 -12.86 -22.43
N VAL A 369 -10.56 -12.25 -21.28
CA VAL A 369 -11.62 -11.31 -21.24
C VAL A 369 -11.31 -10.06 -22.07
N ASN A 370 -10.03 -9.78 -22.35
CA ASN A 370 -9.64 -8.65 -23.17
C ASN A 370 -9.49 -8.96 -24.66
N GLN A 371 -9.98 -10.09 -25.10
CA GLN A 371 -9.67 -10.50 -26.48
C GLN A 371 -10.01 -9.37 -27.53
N ASN A 372 -11.19 -8.80 -27.41
CA ASN A 372 -11.64 -7.81 -28.40
C ASN A 372 -10.75 -6.54 -28.35
N TRP A 373 -10.40 -6.13 -27.13
CA TRP A 373 -9.60 -4.96 -26.87
C TRP A 373 -8.21 -5.13 -27.38
N LEU A 374 -7.64 -6.32 -27.12
CA LEU A 374 -6.34 -6.67 -27.65
C LEU A 374 -6.38 -6.68 -29.17
N ASN A 375 -7.40 -7.26 -29.75
CA ASN A 375 -7.49 -7.22 -31.23
C ASN A 375 -7.54 -5.78 -31.78
N SER A 376 -8.26 -4.93 -31.08
CA SER A 376 -8.40 -3.49 -31.48
C SER A 376 -7.03 -2.80 -31.44
N VAL A 377 -6.34 -2.99 -30.32
CA VAL A 377 -4.99 -2.39 -30.17
C VAL A 377 -4.04 -2.89 -31.26
N TRP A 378 -4.08 -4.20 -31.49
CA TRP A 378 -3.29 -4.78 -32.56
C TRP A 378 -3.56 -4.01 -33.87
N THR A 379 -4.82 -3.94 -34.24
CA THR A 379 -5.17 -3.35 -35.54
C THR A 379 -4.72 -1.89 -35.65
N LYS A 380 -4.91 -1.15 -34.58
CA LYS A 380 -4.48 0.26 -34.52
C LYS A 380 -2.98 0.35 -34.69
N THR A 381 -2.24 -0.48 -33.93
CA THR A 381 -0.82 -0.41 -33.92
C THR A 381 -0.24 -0.78 -35.27
N ALA A 382 -0.71 -1.90 -35.81
CA ALA A 382 -0.11 -2.42 -37.04
C ALA A 382 -0.44 -1.49 -38.22
N GLY A 383 -1.63 -0.89 -38.16
CA GLY A 383 -2.10 0.02 -39.21
C GLY A 383 -1.61 1.46 -39.09
N SER A 384 -0.93 1.81 -38.01
CA SER A 384 -0.52 3.18 -37.75
C SER A 384 0.58 3.61 -38.71
N SER A 385 0.68 4.94 -38.85
CA SER A 385 1.81 5.56 -39.54
C SER A 385 2.96 5.77 -38.60
N ASN A 386 4.14 5.96 -39.16
CA ASN A 386 5.30 6.40 -38.37
C ASN A 386 4.97 7.72 -37.65
N GLU A 387 5.18 7.76 -36.35
CA GLU A 387 4.89 8.92 -35.54
C GLU A 387 6.13 9.64 -35.08
N GLY A 388 7.31 9.00 -35.12
CA GLY A 388 8.46 9.51 -34.41
C GLY A 388 9.20 8.37 -33.73
N TYR A 389 10.46 8.61 -33.42
CA TYR A 389 11.31 7.58 -32.79
C TYR A 389 10.66 6.87 -31.58
N TYR A 390 10.13 7.67 -30.63
CA TYR A 390 9.73 7.09 -29.35
C TYR A 390 8.51 6.20 -29.50
N GLU A 391 7.52 6.76 -30.18
CA GLU A 391 6.28 6.05 -30.43
C GLU A 391 6.49 4.84 -31.31
N ASP A 392 7.32 5.00 -32.31
CA ASP A 392 7.52 3.90 -33.27
C ASP A 392 8.32 2.77 -32.61
N SER A 393 9.25 3.10 -31.72
CA SER A 393 9.97 2.05 -31.01
C SER A 393 9.05 1.23 -30.08
N ILE A 394 8.25 1.93 -29.33
CA ILE A 394 7.33 1.32 -28.40
C ILE A 394 6.30 0.50 -29.18
N LYS A 395 5.75 1.01 -30.29
CA LYS A 395 4.83 0.18 -31.09
C LYS A 395 5.52 -1.09 -31.57
N LEU A 396 6.80 -0.98 -32.00
CA LEU A 396 7.47 -2.12 -32.58
C LEU A 396 7.63 -3.21 -31.53
N PHE A 397 8.12 -2.87 -30.33
CA PHE A 397 8.27 -3.88 -29.28
C PHE A 397 6.92 -4.42 -28.85
N SER A 398 5.91 -3.56 -28.80
CA SER A 398 4.62 -4.03 -28.38
C SER A 398 4.13 -5.03 -29.39
N MET A 399 4.41 -4.80 -30.67
CA MET A 399 4.03 -5.72 -31.74
C MET A 399 4.78 -7.02 -31.72
N ILE A 400 6.07 -6.92 -31.46
CA ILE A 400 6.84 -8.16 -31.20
C ILE A 400 6.23 -8.96 -30.08
N VAL A 401 5.84 -8.33 -28.97
CA VAL A 401 5.28 -9.06 -27.90
C VAL A 401 3.89 -9.62 -28.26
N MET A 402 3.01 -8.73 -28.77
CA MET A 402 1.64 -9.16 -29.05
C MET A 402 1.58 -10.31 -30.09
N SER A 403 2.45 -10.29 -31.08
CA SER A 403 2.49 -11.29 -32.11
C SER A 403 3.08 -12.64 -31.60
N GLY A 404 3.67 -12.67 -30.40
CA GLY A 404 4.16 -13.92 -29.81
C GLY A 404 5.56 -14.17 -30.15
N ASN A 405 6.31 -13.11 -30.42
CA ASN A 405 7.69 -13.27 -30.88
C ASN A 405 8.78 -12.78 -29.94
N TRP A 406 8.42 -12.36 -28.74
CA TRP A 406 9.36 -11.96 -27.73
C TRP A 406 9.98 -13.24 -27.12
N TRP A 407 11.23 -13.12 -26.71
CA TRP A 407 11.86 -14.23 -26.00
C TRP A 407 12.93 -13.70 -25.15
N THR A 408 13.42 -14.52 -24.22
CA THR A 408 14.34 -13.99 -23.23
C THR A 408 15.51 -14.91 -23.09
N TYR A 409 16.45 -14.52 -22.27
CA TYR A 409 17.65 -15.27 -22.04
C TYR A 409 17.41 -16.64 -21.33
N ALA B 32 -8.42 4.76 46.93
CA ALA B 32 -9.57 5.16 47.74
C ALA B 32 -10.33 6.47 47.39
N PRO B 33 -10.54 6.94 46.14
CA PRO B 33 -9.90 6.55 44.89
C PRO B 33 -8.44 7.02 44.81
N ASN B 34 -7.58 6.15 44.33
CA ASN B 34 -6.15 6.40 44.30
C ASN B 34 -5.75 7.26 43.10
N LYS B 35 -6.53 7.20 42.03
CA LYS B 35 -6.24 7.89 40.76
C LYS B 35 -7.42 8.71 40.34
N PRO B 36 -7.77 9.68 41.16
CA PRO B 36 -9.01 10.41 40.85
C PRO B 36 -8.91 11.23 39.57
N PHE B 37 -10.01 11.26 38.82
CA PHE B 37 -10.16 12.18 37.74
C PHE B 37 -10.08 13.65 38.27
N PRO B 38 -9.32 14.58 37.66
CA PRO B 38 -8.46 14.35 36.49
C PRO B 38 -7.04 14.00 36.90
N GLN B 39 -6.42 13.03 36.23
CA GLN B 39 -5.02 12.63 36.59
C GLN B 39 -3.89 13.49 36.00
N HIS B 40 -4.18 14.23 34.94
CA HIS B 40 -3.20 15.09 34.23
C HIS B 40 -1.91 14.32 33.90
N THR B 41 -2.10 13.17 33.29
CA THR B 41 -1.04 12.28 32.84
C THR B 41 -0.10 12.95 31.86
N THR B 42 1.19 12.78 32.09
CA THR B 42 2.20 13.15 31.16
C THR B 42 2.42 12.11 30.10
N TYR B 43 2.12 12.46 28.86
CA TYR B 43 2.32 11.54 27.76
C TYR B 43 3.75 11.63 27.21
N THR B 44 4.07 10.74 26.24
CA THR B 44 5.41 10.71 25.75
C THR B 44 5.96 12.05 25.22
N SER B 45 7.26 12.23 25.36
CA SER B 45 7.85 13.50 24.97
C SER B 45 7.59 13.79 23.48
N GLY B 46 7.22 15.03 23.16
CA GLY B 46 6.98 15.48 21.79
C GLY B 46 5.47 15.41 21.47
N SER B 47 4.72 14.69 22.26
CA SER B 47 3.24 14.68 21.98
C SER B 47 2.64 16.04 22.42
N ILE B 48 1.42 16.35 21.95
CA ILE B 48 0.81 17.63 22.25
C ILE B 48 -0.61 17.38 22.77
N LYS B 49 -1.15 18.35 23.50
CA LYS B 49 -2.54 18.36 23.86
C LYS B 49 -3.11 19.68 23.30
N PRO B 50 -4.43 19.81 23.29
CA PRO B 50 -4.98 21.05 22.80
C PRO B 50 -4.49 22.23 23.63
N ASN B 51 -4.27 23.37 22.99
CA ASN B 51 -3.60 24.50 23.66
C ASN B 51 -4.28 25.84 23.38
N HIS B 52 -5.51 25.80 22.90
CA HIS B 52 -6.33 27.00 22.65
C HIS B 52 -7.43 27.14 23.69
N VAL B 53 -7.42 26.24 24.67
CA VAL B 53 -8.36 26.16 25.74
C VAL B 53 -7.59 25.82 27.03
N THR B 54 -8.13 26.11 28.21
CA THR B 54 -7.39 25.86 29.40
C THR B 54 -7.54 24.38 29.85
N GLN B 55 -6.64 23.92 30.72
CA GLN B 55 -6.78 22.61 31.28
C GLN B 55 -8.07 22.45 32.07
N SER B 56 -8.46 23.44 32.86
CA SER B 56 -9.67 23.24 33.61
C SER B 56 -10.86 23.21 32.70
N ALA B 57 -10.89 24.01 31.63
CA ALA B 57 -11.95 23.90 30.64
C ALA B 57 -12.01 22.47 30.00
N MET B 58 -10.86 21.85 29.75
CA MET B 58 -10.90 20.50 29.19
C MET B 58 -11.46 19.51 30.20
N ASP B 59 -10.97 19.64 31.45
CA ASP B 59 -11.42 18.71 32.48
C ASP B 59 -12.93 18.82 32.72
N ASN B 60 -13.43 20.05 32.77
CA ASN B 60 -14.87 20.28 32.89
C ASN B 60 -15.69 19.78 31.73
N SER B 61 -15.16 19.85 30.50
CA SER B 61 -15.85 19.31 29.36
C SER B 61 -16.02 17.81 29.45
N VAL B 62 -14.99 17.13 29.89
CA VAL B 62 -15.04 15.69 30.12
C VAL B 62 -16.08 15.36 31.16
N LYS B 63 -16.08 16.11 32.27
CA LYS B 63 -17.06 15.88 33.31
C LYS B 63 -18.44 15.99 32.71
N ALA B 64 -18.71 17.08 31.99
CA ALA B 64 -20.02 17.27 31.41
C ALA B 64 -20.39 16.14 30.44
N LYS B 65 -19.44 15.70 29.64
CA LYS B 65 -19.72 14.56 28.77
C LYS B 65 -19.99 13.30 29.49
N TRP B 66 -19.25 13.04 30.55
CA TRP B 66 -19.58 11.89 31.37
C TRP B 66 -20.98 11.95 31.91
N ASP B 67 -21.35 13.11 32.46
CA ASP B 67 -22.68 13.22 33.04
C ASP B 67 -23.77 12.97 32.00
N SER B 68 -23.54 13.48 30.80
CA SER B 68 -24.45 13.21 29.70
C SER B 68 -24.46 11.76 29.19
N TRP B 69 -23.30 11.08 29.22
CA TRP B 69 -23.22 9.73 28.78
C TRP B 69 -23.97 8.83 29.78
N LYS B 70 -23.71 9.04 31.07
CA LYS B 70 -24.32 8.16 32.07
C LYS B 70 -25.83 8.35 32.06
N SER B 71 -26.26 9.59 31.87
CA SER B 71 -27.68 9.89 31.84
C SER B 71 -28.38 9.17 30.70
N ALA B 72 -27.70 9.04 29.56
CA ALA B 72 -28.30 8.42 28.42
C ALA B 72 -28.21 6.88 28.38
N TYR B 73 -27.08 6.33 28.89
CA TYR B 73 -26.69 4.99 28.55
C TYR B 73 -26.52 4.09 29.74
N LEU B 74 -26.27 4.62 30.94
CA LEU B 74 -25.97 3.74 32.06
C LEU B 74 -27.28 3.46 32.83
N LYS B 75 -27.66 2.20 32.84
CA LYS B 75 -29.02 1.80 33.35
C LYS B 75 -28.92 0.71 34.37
N THR B 76 -29.84 0.66 35.33
CA THR B 76 -29.89 -0.51 36.20
C THR B 76 -30.32 -1.75 35.42
N ALA B 77 -29.92 -2.93 35.91
CA ALA B 77 -30.18 -4.20 35.19
C ALA B 77 -30.61 -5.26 36.20
N GLY B 78 -31.50 -4.83 37.10
CA GLY B 78 -31.91 -5.64 38.24
C GLY B 78 -30.97 -5.41 39.38
N THR B 79 -31.33 -5.95 40.54
CA THR B 79 -30.70 -5.44 41.75
C THR B 79 -29.22 -5.87 41.78
N GLY B 80 -28.36 -4.93 42.12
CA GLY B 80 -26.92 -5.16 42.23
C GLY B 80 -26.21 -5.10 40.87
N LYS B 81 -26.95 -4.77 39.81
CA LYS B 81 -26.40 -4.75 38.43
C LYS B 81 -26.70 -3.45 37.71
N TYR B 82 -25.80 -3.08 36.79
CA TYR B 82 -26.01 -1.99 35.84
C TYR B 82 -25.59 -2.59 34.48
N TYR B 83 -26.05 -1.94 33.43
CA TYR B 83 -25.68 -2.26 32.05
C TYR B 83 -25.67 -1.01 31.21
N VAL B 84 -25.18 -1.15 29.98
CA VAL B 84 -25.04 -0.06 29.10
C VAL B 84 -26.03 -0.27 27.94
N LYS B 85 -26.94 0.70 27.81
CA LYS B 85 -27.97 0.67 26.76
C LYS B 85 -27.41 1.12 25.42
N TYR B 86 -27.12 0.18 24.55
CA TYR B 86 -26.48 0.52 23.31
C TYR B 86 -27.34 0.87 22.12
N GLN B 87 -28.62 0.45 22.15
CA GLN B 87 -29.54 0.85 21.15
C GLN B 87 -30.80 1.33 21.84
N SER B 88 -31.60 2.10 21.09
CA SER B 88 -32.86 2.66 21.69
C SER B 88 -33.75 1.62 22.32
N ASN B 89 -33.76 0.44 21.77
CA ASN B 89 -34.69 -0.60 22.29
C ASN B 89 -34.21 -1.28 23.60
N GLY B 90 -33.04 -0.89 24.10
CA GLY B 90 -32.61 -1.34 25.40
C GLY B 90 -31.67 -2.54 25.32
N ASP B 91 -31.26 -2.97 24.11
CA ASP B 91 -30.37 -4.12 23.98
C ASP B 91 -28.96 -3.63 24.40
N THR B 92 -28.06 -4.60 24.56
CA THR B 92 -26.64 -4.32 24.85
C THR B 92 -25.72 -5.30 24.20
N VAL B 93 -24.46 -4.87 24.14
CA VAL B 93 -23.41 -5.70 23.65
C VAL B 93 -22.22 -5.59 24.60
N SER B 94 -21.38 -6.60 24.65
CA SER B 94 -20.20 -6.59 25.49
C SER B 94 -19.21 -5.39 25.21
N GLU B 95 -19.15 -4.90 23.97
CA GLU B 95 -18.40 -3.70 23.61
C GLU B 95 -18.84 -2.53 24.47
N ALA B 96 -20.14 -2.39 24.58
CA ALA B 96 -20.73 -1.28 25.31
C ALA B 96 -20.45 -1.48 26.78
N HIS B 97 -20.60 -2.73 27.22
CA HIS B 97 -20.33 -3.06 28.59
C HIS B 97 -18.90 -2.71 29.04
N GLY B 98 -17.94 -3.07 28.21
CA GLY B 98 -16.56 -2.72 28.41
C GLY B 98 -16.31 -1.28 28.40
N TYR B 99 -17.00 -0.51 27.54
CA TYR B 99 -16.89 0.94 27.64
C TYR B 99 -17.45 1.52 28.92
N GLY B 100 -18.56 1.00 29.39
CA GLY B 100 -19.09 1.39 30.71
C GLY B 100 -18.11 1.21 31.86
N MET B 101 -17.56 0.02 31.89
CA MET B 101 -16.60 -0.36 32.88
C MET B 101 -15.39 0.55 32.85
N LEU B 102 -14.84 0.77 31.66
CA LEU B 102 -13.64 1.63 31.55
C LEU B 102 -13.97 3.06 31.99
N ALA B 103 -15.10 3.60 31.55
CA ALA B 103 -15.45 4.97 31.88
C ALA B 103 -15.63 5.17 33.35
N THR B 104 -16.35 4.23 33.99
CA THR B 104 -16.65 4.36 35.38
C THR B 104 -15.37 4.37 36.21
N VAL B 105 -14.40 3.50 35.94
CA VAL B 105 -13.12 3.58 36.70
C VAL B 105 -12.34 4.90 36.46
N LEU B 106 -12.27 5.34 35.20
CA LEU B 106 -11.64 6.56 34.90
C LEU B 106 -12.28 7.77 35.54
N MET B 107 -13.59 7.78 35.67
CA MET B 107 -14.33 8.94 36.20
C MET B 107 -14.48 8.95 37.71
N ALA B 108 -13.94 7.92 38.34
CA ALA B 108 -13.87 7.90 39.81
C ALA B 108 -13.07 9.09 40.23
N GLY B 109 -13.43 9.64 41.39
CA GLY B 109 -12.87 10.87 41.90
C GLY B 109 -13.70 12.08 41.52
N TYR B 110 -14.31 12.07 40.34
CA TYR B 110 -15.31 13.05 39.98
C TYR B 110 -16.66 12.48 40.39
N ASP B 111 -16.97 11.26 39.98
CA ASP B 111 -18.29 10.70 40.21
C ASP B 111 -18.23 9.92 41.53
N SER B 112 -18.95 10.38 42.56
CA SER B 112 -18.86 9.64 43.83
C SER B 112 -19.47 8.23 43.82
N ASN B 113 -20.32 7.89 42.83
CA ASN B 113 -20.89 6.56 42.75
C ASN B 113 -20.13 5.64 41.78
N ALA B 114 -18.97 6.06 41.34
CA ALA B 114 -18.18 5.32 40.34
C ALA B 114 -18.00 3.85 40.67
N GLN B 115 -17.63 3.58 41.90
CA GLN B 115 -17.39 2.20 42.29
C GLN B 115 -18.70 1.38 42.38
N THR B 116 -19.79 2.01 42.77
CA THR B 116 -21.03 1.32 42.77
C THR B 116 -21.43 0.89 41.35
N TYR B 117 -21.27 1.81 40.44
CA TYR B 117 -21.55 1.55 39.04
C TYR B 117 -20.63 0.44 38.51
N PHE B 118 -19.34 0.60 38.74
CA PHE B 118 -18.40 -0.36 38.28
C PHE B 118 -18.71 -1.76 38.85
N ASP B 119 -19.08 -1.85 40.13
CA ASP B 119 -19.28 -3.16 40.74
C ASP B 119 -20.56 -3.79 40.17
N GLY B 120 -21.55 -2.97 39.89
CA GLY B 120 -22.78 -3.46 39.30
C GLY B 120 -22.57 -3.96 37.87
N LEU B 121 -21.75 -3.22 37.12
CA LEU B 121 -21.41 -3.64 35.75
C LEU B 121 -20.65 -4.98 35.84
N TYR B 122 -19.77 -5.10 36.80
CA TYR B 122 -19.03 -6.33 36.97
C TYR B 122 -19.99 -7.50 37.30
N GLN B 123 -21.00 -7.29 38.16
CA GLN B 123 -21.95 -8.39 38.41
C GLN B 123 -22.75 -8.79 37.18
N TYR B 124 -23.06 -7.81 36.31
CA TYR B 124 -23.71 -8.13 35.02
C TYR B 124 -22.88 -8.96 34.11
N TYR B 125 -21.59 -8.63 34.03
CA TYR B 125 -20.60 -9.37 33.27
C TYR B 125 -20.55 -10.84 33.81
N LYS B 126 -20.48 -10.96 35.12
CA LYS B 126 -20.40 -12.28 35.71
C LYS B 126 -21.64 -13.11 35.46
N ALA B 127 -22.77 -12.48 35.28
CA ALA B 127 -24.04 -13.17 35.03
C ALA B 127 -24.16 -13.57 33.59
N HIS B 128 -23.25 -13.09 32.72
CA HIS B 128 -23.36 -13.41 31.25
C HIS B 128 -22.08 -13.99 30.69
N PRO B 129 -21.66 -15.21 31.19
CA PRO B 129 -20.51 -15.88 30.63
C PRO B 129 -20.73 -16.30 29.20
N SER B 130 -19.67 -16.25 28.44
CA SER B 130 -19.71 -16.79 27.10
C SER B 130 -19.91 -18.29 27.19
N SER B 131 -20.57 -18.84 26.20
CA SER B 131 -20.73 -20.32 26.15
C SER B 131 -19.45 -21.06 25.83
N ASN B 132 -18.36 -20.37 25.42
CA ASN B 132 -17.05 -21.07 25.17
C ASN B 132 -15.99 -20.93 26.26
N ASN B 133 -16.06 -19.86 27.00
CA ASN B 133 -15.09 -19.70 28.07
C ASN B 133 -15.86 -18.88 29.06
N SER B 134 -16.00 -19.40 30.25
CA SER B 134 -16.92 -18.83 31.23
C SER B 134 -16.39 -17.54 31.87
N LYS B 135 -15.15 -17.15 31.61
CA LYS B 135 -14.64 -15.86 32.07
C LYS B 135 -14.77 -14.80 31.00
N LEU B 136 -15.13 -15.17 29.79
CA LEU B 136 -15.41 -14.15 28.76
C LEU B 136 -16.89 -13.80 28.84
N MET B 137 -17.37 -12.82 28.04
CA MET B 137 -18.75 -12.35 28.15
C MET B 137 -19.54 -12.69 26.89
N ALA B 138 -20.73 -13.27 27.04
CA ALA B 138 -21.66 -13.37 25.94
C ALA B 138 -21.92 -11.99 25.32
N TRP B 139 -21.83 -11.93 24.00
CA TRP B 139 -21.56 -10.65 23.39
C TRP B 139 -22.80 -9.74 23.26
N LYS B 140 -24.02 -10.31 23.31
CA LYS B 140 -25.21 -9.47 23.06
C LYS B 140 -26.41 -9.97 23.85
N GLN B 141 -27.10 -9.04 24.51
CA GLN B 141 -28.34 -9.32 25.19
C GLN B 141 -29.43 -8.45 24.68
N ASN B 142 -30.65 -8.95 24.83
CA ASN B 142 -31.82 -8.18 24.59
C ASN B 142 -32.15 -7.36 25.82
N SER B 143 -33.24 -6.61 25.73
CA SER B 143 -33.59 -5.68 26.76
C SER B 143 -34.07 -6.32 28.10
N SER B 144 -34.29 -7.62 28.13
CA SER B 144 -34.49 -8.43 29.35
C SER B 144 -33.25 -9.12 29.81
N PHE B 145 -32.11 -8.79 29.22
CA PHE B 145 -30.81 -9.30 29.64
C PHE B 145 -30.65 -10.78 29.32
N GLN B 146 -31.38 -11.26 28.31
CA GLN B 146 -31.16 -12.58 27.79
C GLN B 146 -30.21 -12.51 26.61
N ASN B 147 -29.35 -13.50 26.51
CA ASN B 147 -28.46 -13.60 25.40
C ASN B 147 -29.26 -13.85 24.13
N ILE B 148 -28.88 -13.09 23.10
CA ILE B 148 -29.41 -13.21 21.74
C ILE B 148 -28.26 -13.25 20.72
N GLU B 149 -28.57 -13.65 19.50
CA GLU B 149 -27.59 -13.67 18.41
C GLU B 149 -26.30 -14.42 18.70
N GLY B 150 -26.41 -15.51 19.44
CA GLY B 150 -25.26 -16.36 19.72
C GLY B 150 -24.59 -15.93 21.04
N ASP B 151 -24.26 -16.88 21.89
CA ASP B 151 -23.77 -16.54 23.25
C ASP B 151 -22.25 -16.61 23.33
N ASP B 152 -21.59 -16.48 22.18
CA ASP B 152 -20.14 -16.45 22.09
C ASP B 152 -19.62 -15.04 22.48
N SER B 153 -18.30 -14.90 22.65
CA SER B 153 -17.70 -13.60 23.01
C SER B 153 -17.31 -12.76 21.80
N ALA B 154 -17.03 -11.49 22.10
CA ALA B 154 -16.37 -10.57 21.16
C ALA B 154 -15.11 -10.08 21.83
N THR B 155 -14.02 -10.15 21.11
CA THR B 155 -12.72 -9.94 21.76
C THR B 155 -12.60 -8.53 22.34
N ASP B 156 -13.11 -7.54 21.62
CA ASP B 156 -12.93 -6.16 22.09
C ASP B 156 -13.65 -5.87 23.40
N GLY B 157 -14.87 -6.37 23.54
CA GLY B 157 -15.57 -6.28 24.78
C GLY B 157 -14.78 -6.95 25.91
N ASP B 158 -14.31 -8.15 25.62
CA ASP B 158 -13.56 -8.92 26.61
C ASP B 158 -12.32 -8.10 27.03
N MET B 159 -11.60 -7.53 26.07
CA MET B 159 -10.40 -6.75 26.37
C MET B 159 -10.64 -5.50 27.23
N ASP B 160 -11.67 -4.72 26.93
CA ASP B 160 -12.00 -3.60 27.79
C ASP B 160 -12.48 -3.94 29.24
N ILE B 161 -13.24 -5.03 29.38
CA ILE B 161 -13.63 -5.51 30.68
C ILE B 161 -12.38 -5.86 31.44
N ALA B 162 -11.50 -6.59 30.80
CA ALA B 162 -10.28 -7.09 31.44
C ALA B 162 -9.43 -5.87 31.90
N TYR B 163 -9.18 -4.96 30.95
CA TYR B 163 -8.36 -3.80 31.23
C TYR B 163 -8.98 -2.96 32.37
N SER B 164 -10.31 -2.77 32.33
CA SER B 164 -11.01 -2.02 33.40
C SER B 164 -10.81 -2.63 34.75
N LEU B 165 -10.70 -3.96 34.83
CA LEU B 165 -10.43 -4.60 36.14
C LEU B 165 -9.05 -4.32 36.66
N LEU B 166 -8.05 -4.25 35.78
CA LEU B 166 -6.71 -3.78 36.20
C LEU B 166 -6.72 -2.35 36.65
N LEU B 167 -7.46 -1.49 35.93
CA LEU B 167 -7.58 -0.13 36.38
C LEU B 167 -8.27 -0.04 37.75
N ALA B 168 -9.30 -0.85 37.95
CA ALA B 168 -10.06 -0.84 39.22
C ALA B 168 -9.14 -1.27 40.40
N ASP B 169 -8.24 -2.21 40.15
CA ASP B 169 -7.23 -2.58 41.17
C ASP B 169 -6.36 -1.34 41.52
N LYS B 170 -6.00 -0.55 40.52
CA LYS B 170 -5.25 0.70 40.80
C LYS B 170 -6.05 1.77 41.45
N GLN B 171 -7.33 1.88 41.11
CA GLN B 171 -8.16 2.97 41.55
C GLN B 171 -8.62 2.71 42.99
N TRP B 172 -9.08 1.49 43.27
CA TRP B 172 -9.70 1.20 44.58
C TRP B 172 -8.97 0.16 45.38
N GLY B 173 -8.05 -0.55 44.78
CA GLY B 173 -7.44 -1.73 45.39
C GLY B 173 -8.34 -2.95 45.34
N SER B 174 -7.78 -4.08 45.72
CA SER B 174 -8.46 -5.36 45.52
C SER B 174 -8.81 -6.12 46.83
N SER B 175 -8.93 -5.36 47.91
CA SER B 175 -9.09 -5.90 49.23
C SER B 175 -10.52 -5.87 49.65
N GLY B 176 -11.40 -5.22 48.89
CA GLY B 176 -12.79 -5.13 49.17
C GLY B 176 -13.57 -6.35 48.76
N SER B 177 -14.85 -6.13 48.52
CA SER B 177 -15.74 -7.21 48.23
C SER B 177 -15.53 -7.87 46.86
N ILE B 178 -14.87 -7.19 45.93
CA ILE B 178 -14.43 -7.82 44.63
C ILE B 178 -12.92 -7.72 44.53
N ASN B 179 -12.30 -8.86 44.32
CA ASN B 179 -10.88 -8.88 44.11
C ASN B 179 -10.62 -8.51 42.68
N TYR B 180 -10.52 -7.22 42.42
CA TYR B 180 -10.41 -6.79 40.94
C TYR B 180 -9.25 -7.36 40.19
N LEU B 181 -8.06 -7.37 40.81
CA LEU B 181 -6.87 -7.83 40.17
C LEU B 181 -6.97 -9.30 39.82
N GLN B 182 -7.49 -10.08 40.76
CA GLN B 182 -7.71 -11.47 40.48
C GLN B 182 -8.72 -11.66 39.38
N ALA B 183 -9.83 -10.92 39.40
CA ALA B 183 -10.85 -11.05 38.35
C ALA B 183 -10.21 -10.67 37.00
N GLY B 184 -9.39 -9.63 37.02
CA GLY B 184 -8.69 -9.16 35.81
C GLY B 184 -7.79 -10.20 35.26
N LYS B 185 -6.93 -10.78 36.11
CA LYS B 185 -6.11 -11.87 35.70
C LYS B 185 -6.88 -13.05 35.08
N ASP B 186 -7.99 -13.43 35.70
CA ASP B 186 -8.81 -14.53 35.23
C ASP B 186 -9.37 -14.31 33.83
N ILE B 187 -9.87 -13.11 33.58
CA ILE B 187 -10.35 -12.80 32.21
C ILE B 187 -9.21 -12.65 31.23
N ILE B 188 -8.09 -12.02 31.66
CA ILE B 188 -6.98 -11.90 30.77
C ILE B 188 -6.45 -13.27 30.33
N ASN B 189 -6.25 -14.19 31.28
CA ASN B 189 -5.86 -15.52 30.93
C ASN B 189 -6.84 -16.22 29.97
N ALA B 190 -8.10 -15.98 30.20
CA ALA B 190 -9.21 -16.45 29.29
C ALA B 190 -9.12 -15.89 27.86
N ILE B 191 -8.78 -14.61 27.72
CA ILE B 191 -8.66 -14.01 26.41
C ILE B 191 -7.50 -14.72 25.69
N MET B 192 -6.38 -14.93 26.38
CA MET B 192 -5.29 -15.64 25.82
C MET B 192 -5.71 -17.08 25.46
N GLN B 193 -6.42 -17.76 26.36
CA GLN B 193 -6.90 -19.12 26.09
C GLN B 193 -7.78 -19.26 24.88
N SER B 194 -8.74 -18.34 24.72
CA SER B 194 -9.87 -18.53 23.78
C SER B 194 -10.04 -17.47 22.69
N ASP B 195 -9.51 -16.25 22.92
CA ASP B 195 -9.65 -15.10 21.96
C ASP B 195 -8.34 -14.81 21.24
N VAL B 196 -7.24 -15.55 21.52
CA VAL B 196 -5.98 -15.39 20.78
C VAL B 196 -5.67 -16.58 19.93
N ASN B 197 -5.37 -16.38 18.65
CA ASN B 197 -4.85 -17.41 17.82
C ASN B 197 -3.37 -17.56 18.10
N GLN B 198 -3.02 -18.61 18.85
CA GLN B 198 -1.63 -18.78 19.30
C GLN B 198 -0.72 -19.40 18.23
N SER B 199 -1.25 -19.72 17.06
CA SER B 199 -0.40 -20.07 15.93
C SER B 199 0.13 -18.86 15.23
N GLN B 200 -0.69 -17.83 15.15
CA GLN B 200 -0.33 -16.61 14.43
C GLN B 200 -0.07 -15.43 15.32
N TRP B 201 -0.32 -15.58 16.61
CA TRP B 201 -0.20 -14.50 17.59
C TRP B 201 -1.03 -13.29 17.19
N THR B 202 -2.27 -13.56 16.87
CA THR B 202 -3.26 -12.54 16.49
C THR B 202 -4.50 -12.68 17.31
N LEU B 203 -5.15 -11.55 17.49
CA LEU B 203 -6.38 -11.50 18.25
C LEU B 203 -7.47 -12.00 17.35
N ARG B 204 -8.20 -13.03 17.78
CA ARG B 204 -9.35 -13.46 17.09
C ARG B 204 -10.50 -12.46 17.18
N LEU B 205 -11.51 -12.67 16.35
CA LEU B 205 -12.73 -11.79 16.38
C LEU B 205 -13.54 -12.03 17.65
N GLY B 206 -13.43 -13.24 18.19
CA GLY B 206 -14.11 -13.64 19.40
C GLY B 206 -13.84 -15.13 19.64
N ASP B 207 -14.36 -15.70 20.71
CA ASP B 207 -13.98 -17.08 21.07
C ASP B 207 -14.60 -18.18 20.18
N TRP B 208 -15.46 -17.78 19.26
CA TRP B 208 -16.08 -18.60 18.18
C TRP B 208 -15.20 -18.70 16.93
N ALA B 209 -14.17 -17.84 16.78
CA ALA B 209 -13.52 -17.59 15.47
C ALA B 209 -12.34 -18.53 15.27
N THR B 210 -12.67 -19.80 15.06
CA THR B 210 -11.70 -20.89 15.04
C THR B 210 -11.70 -21.78 13.83
N ASP B 211 -12.61 -21.56 12.90
CA ASP B 211 -12.69 -22.37 11.67
C ASP B 211 -11.79 -21.77 10.60
N ASN B 212 -11.62 -22.46 9.47
CA ASN B 212 -10.69 -21.98 8.47
C ASN B 212 -11.00 -20.59 7.85
N THR B 213 -12.25 -20.23 7.72
CA THR B 213 -12.58 -18.90 7.24
C THR B 213 -12.15 -17.81 8.19
N PHE B 214 -12.38 -18.01 9.48
CA PHE B 214 -12.23 -16.90 10.45
C PHE B 214 -11.03 -16.97 11.40
N LYS B 215 -10.38 -18.11 11.57
CA LYS B 215 -9.36 -18.23 12.63
C LYS B 215 -8.19 -17.24 12.50
N ASN B 216 -7.83 -16.86 11.27
CA ASN B 216 -6.68 -16.01 11.05
C ASN B 216 -7.05 -14.53 10.84
N ALA B 217 -8.33 -14.24 10.86
CA ALA B 217 -8.81 -12.88 10.67
C ALA B 217 -8.68 -12.10 11.96
N THR B 218 -8.57 -10.79 11.80
CA THR B 218 -8.35 -9.94 12.93
C THR B 218 -8.98 -8.60 12.62
N ARG B 219 -9.42 -7.91 13.67
CA ARG B 219 -10.08 -6.64 13.54
C ARG B 219 -9.14 -5.52 14.11
N PRO B 220 -8.71 -4.55 13.26
CA PRO B 220 -7.71 -3.56 13.71
C PRO B 220 -8.19 -2.73 14.85
N SER B 221 -9.49 -2.50 15.00
CA SER B 221 -9.94 -1.78 16.17
C SER B 221 -9.71 -2.51 17.52
N ASP B 222 -9.46 -3.81 17.49
CA ASP B 222 -9.02 -4.60 18.65
C ASP B 222 -7.53 -4.44 18.91
N PHE B 223 -6.79 -3.66 18.11
CA PHE B 223 -5.31 -3.49 18.29
C PHE B 223 -5.05 -2.47 19.40
N MET B 224 -5.47 -2.82 20.60
CA MET B 224 -5.31 -1.95 21.78
C MET B 224 -3.96 -2.31 22.43
N LEU B 225 -2.89 -1.89 21.78
CA LEU B 225 -1.59 -2.41 22.07
C LEU B 225 -1.24 -2.06 23.52
N ASN B 226 -1.63 -0.88 24.00
CA ASN B 226 -1.31 -0.58 25.36
C ASN B 226 -2.08 -1.46 26.39
N HIS B 227 -3.30 -1.88 26.08
CA HIS B 227 -4.00 -2.86 26.94
C HIS B 227 -3.13 -4.11 27.03
N LEU B 228 -2.55 -4.53 25.90
CA LEU B 228 -1.82 -5.78 25.85
C LEU B 228 -0.56 -5.75 26.70
N LYS B 229 0.07 -4.57 26.76
CA LYS B 229 1.18 -4.37 27.66
C LYS B 229 0.74 -4.46 29.14
N ALA B 230 -0.41 -3.90 29.42
CA ALA B 230 -0.93 -4.02 30.77
C ALA B 230 -1.23 -5.52 31.14
N PHE B 231 -1.76 -6.28 30.17
CA PHE B 231 -2.03 -7.68 30.36
C PHE B 231 -0.74 -8.42 30.68
N GLN B 232 0.32 -8.15 29.95
CA GLN B 232 1.58 -8.79 30.29
C GLN B 232 2.05 -8.42 31.66
N ALA B 233 1.98 -7.15 31.99
CA ALA B 233 2.45 -6.72 33.29
C ALA B 233 1.66 -7.41 34.41
N ALA B 234 0.37 -7.59 34.25
CA ALA B 234 -0.46 -8.17 35.31
C ALA B 234 -0.23 -9.67 35.47
N THR B 235 0.03 -10.35 34.37
CA THR B 235 0.06 -11.86 34.37
C THR B 235 1.46 -12.41 34.29
N GLY B 236 2.43 -11.60 33.82
CA GLY B 236 3.72 -12.07 33.43
C GLY B 236 3.72 -12.99 32.20
N ASP B 237 2.61 -13.07 31.45
CA ASP B 237 2.56 -13.93 30.30
C ASP B 237 3.13 -13.21 29.08
N ALA B 238 4.23 -13.70 28.55
CA ALA B 238 4.94 -13.01 27.47
C ALA B 238 4.32 -13.35 26.15
N ARG B 239 3.33 -14.25 26.14
CA ARG B 239 2.52 -14.41 24.96
C ARG B 239 1.90 -13.08 24.47
N TRP B 240 1.60 -12.21 25.41
CA TRP B 240 1.04 -10.90 25.02
C TRP B 240 2.04 -10.12 24.22
N ALA B 241 3.34 -10.21 24.53
CA ALA B 241 4.37 -9.52 23.77
C ALA B 241 4.48 -10.09 22.31
N ASN B 242 4.26 -11.40 22.16
CA ASN B 242 4.12 -11.99 20.82
C ASN B 242 2.97 -11.32 20.02
N VAL B 243 1.84 -11.12 20.66
CA VAL B 243 0.67 -10.54 19.98
C VAL B 243 0.94 -9.08 19.69
N ILE B 244 1.56 -8.36 20.60
CA ILE B 244 1.95 -6.91 20.34
C ILE B 244 2.86 -6.80 19.11
N ASP B 245 3.90 -7.60 19.14
CA ASP B 245 4.89 -7.60 18.06
C ASP B 245 4.25 -7.94 16.72
N LYS B 246 3.45 -9.01 16.68
CA LYS B 246 2.79 -9.40 15.42
C LYS B 246 1.79 -8.33 14.96
N THR B 247 1.03 -7.80 15.92
CA THR B 247 0.06 -6.76 15.57
C THR B 247 0.73 -5.50 14.96
N TYR B 248 1.84 -5.01 15.53
CA TYR B 248 2.54 -3.95 14.86
C TYR B 248 3.04 -4.26 13.47
N THR B 249 3.47 -5.54 13.29
CA THR B 249 3.83 -5.99 11.98
C THR B 249 2.63 -5.90 11.01
N ILE B 250 1.47 -6.30 11.47
CA ILE B 250 0.29 -6.27 10.61
C ILE B 250 -0.12 -4.84 10.28
N ILE B 251 -0.06 -3.97 11.28
CA ILE B 251 -0.39 -2.54 11.03
C ILE B 251 0.49 -1.99 9.90
N ASN B 252 1.79 -2.24 10.00
CA ASN B 252 2.71 -1.73 9.03
C ASN B 252 2.64 -2.39 7.65
N SER B 253 2.35 -3.70 7.66
CA SER B 253 2.10 -4.44 6.45
C SER B 253 0.88 -3.89 5.68
N LEU B 254 -0.23 -3.67 6.38
CA LEU B 254 -1.40 -3.08 5.77
C LEU B 254 -1.23 -1.63 5.31
N TYR B 255 -0.55 -0.83 6.12
CA TYR B 255 -0.22 0.55 5.75
C TYR B 255 0.57 0.56 4.44
N ASN B 256 1.71 -0.12 4.43
CA ASN B 256 2.60 -0.14 3.26
C ASN B 256 1.86 -0.72 2.04
N GLY B 257 1.17 -1.87 2.25
CA GLY B 257 0.64 -2.64 1.17
C GLY B 257 -0.66 -2.11 0.57
N TYR B 258 -1.48 -1.44 1.40
CA TYR B 258 -2.90 -1.15 1.01
C TYR B 258 -3.35 0.24 1.27
N SER B 259 -2.66 1.00 2.13
CA SER B 259 -3.07 2.38 2.43
C SER B 259 -1.87 3.33 2.51
N SER B 260 -0.92 3.18 1.58
CA SER B 260 0.24 4.01 1.65
C SER B 260 -0.04 5.51 1.58
N SER B 261 -1.17 5.96 1.01
CA SER B 261 -1.44 7.36 0.90
C SER B 261 -2.17 7.92 2.12
N THR B 262 -2.75 7.04 2.92
CA THR B 262 -3.65 7.46 4.02
C THR B 262 -3.30 6.92 5.42
N GLY B 263 -2.63 5.78 5.54
CA GLY B 263 -2.47 5.05 6.77
C GLY B 263 -3.72 4.38 7.39
N LEU B 264 -4.85 4.43 6.71
CA LEU B 264 -6.08 3.88 7.18
C LEU B 264 -6.01 2.36 7.20
N LEU B 265 -6.58 1.77 8.24
CA LEU B 265 -6.72 0.32 8.43
C LEU B 265 -8.13 -0.16 8.15
N PRO B 266 -8.25 -1.28 7.45
CA PRO B 266 -9.61 -1.75 7.16
C PRO B 266 -10.35 -2.29 8.39
N ASP B 267 -11.67 -2.38 8.26
CA ASP B 267 -12.44 -2.96 9.36
C ASP B 267 -12.01 -4.36 9.75
N PHE B 268 -11.68 -5.20 8.77
CA PHE B 268 -11.31 -6.56 9.01
C PHE B 268 -10.09 -6.87 8.14
N VAL B 269 -9.15 -7.58 8.77
CA VAL B 269 -7.96 -8.09 8.07
C VAL B 269 -8.05 -9.61 7.99
N VAL B 270 -7.71 -10.17 6.85
CA VAL B 270 -7.66 -11.62 6.64
C VAL B 270 -6.29 -12.03 6.23
N LEU B 271 -5.99 -13.31 6.39
CA LEU B 271 -4.73 -13.87 5.96
C LEU B 271 -5.00 -14.70 4.69
N SER B 272 -4.32 -14.34 3.60
CA SER B 272 -4.42 -15.10 2.33
C SER B 272 -3.03 -15.36 1.87
N GLY B 273 -2.76 -16.65 1.67
CA GLY B 273 -1.43 -17.12 1.48
C GLY B 273 -0.70 -16.80 2.74
N SER B 274 0.38 -16.03 2.60
CA SER B 274 1.20 -15.53 3.70
C SER B 274 1.06 -14.01 3.86
N THR B 275 0.06 -13.39 3.24
CA THR B 275 0.02 -11.94 3.33
C THR B 275 -1.32 -11.53 3.97
N TYR B 276 -1.20 -10.67 4.97
CA TYR B 276 -2.38 -10.05 5.58
C TYR B 276 -2.95 -9.00 4.59
N LYS B 277 -4.26 -8.94 4.46
CA LYS B 277 -4.83 -7.96 3.59
C LYS B 277 -6.22 -7.58 4.02
N PRO B 278 -6.77 -6.53 3.42
CA PRO B 278 -8.12 -6.23 3.81
C PRO B 278 -9.12 -7.30 3.44
N ALA B 279 -10.13 -7.47 4.29
CA ALA B 279 -11.26 -8.36 3.94
C ALA B 279 -12.01 -7.89 2.71
N SER B 280 -12.71 -8.85 2.12
CA SER B 280 -13.71 -8.64 1.06
C SER B 280 -14.98 -8.12 1.56
N ALA B 281 -15.74 -7.52 0.65
CA ALA B 281 -17.10 -7.14 0.98
C ALA B 281 -17.92 -8.31 1.53
N ASP B 282 -18.68 -8.06 2.59
CA ASP B 282 -19.55 -9.05 3.29
C ASP B 282 -18.82 -10.25 3.83
N PHE B 283 -17.55 -10.06 4.19
CA PHE B 283 -16.81 -11.05 4.93
C PHE B 283 -17.55 -11.42 6.20
N LEU B 284 -18.00 -10.41 6.94
CA LEU B 284 -18.71 -10.60 8.17
C LEU B 284 -19.89 -9.68 8.38
N GLU B 285 -19.71 -8.39 8.15
CA GLU B 285 -20.72 -7.41 8.51
C GLU B 285 -21.35 -6.69 7.35
N GLY B 286 -20.63 -6.41 6.29
CA GLY B 286 -21.17 -5.54 5.24
C GLY B 286 -20.26 -5.23 4.08
N ALA B 287 -20.71 -4.32 3.26
CA ALA B 287 -20.02 -3.95 2.07
C ALA B 287 -18.63 -3.28 2.29
N ASN B 288 -18.42 -2.64 3.44
CA ASN B 288 -17.20 -1.90 3.74
C ASN B 288 -16.22 -2.65 4.69
N ASP B 289 -16.37 -3.97 4.78
CA ASP B 289 -15.49 -4.78 5.61
C ASP B 289 -14.02 -4.60 5.35
N GLY B 290 -13.68 -4.26 4.12
CA GLY B 290 -12.30 -3.99 3.68
C GLY B 290 -11.89 -2.54 3.66
N SER B 291 -12.73 -1.66 4.22
CA SER B 291 -12.50 -0.23 4.17
C SER B 291 -12.52 0.34 5.57
N TYR B 292 -12.26 1.65 5.66
CA TYR B 292 -12.19 2.32 6.97
C TYR B 292 -13.58 2.71 7.32
N ASP B 293 -14.19 1.91 8.15
CA ASP B 293 -15.63 2.08 8.42
C ASP B 293 -15.91 2.07 9.93
N TYR B 294 -17.08 1.61 10.32
CA TYR B 294 -17.53 1.80 11.70
C TYR B 294 -16.72 0.97 12.73
N ASN B 295 -15.91 -0.02 12.31
CA ASN B 295 -14.97 -0.67 13.31
C ASN B 295 -13.70 0.10 13.40
N SER B 296 -13.07 0.32 12.24
CA SER B 296 -11.76 0.95 12.24
C SER B 296 -11.73 2.42 12.58
N CYS B 297 -12.87 3.14 12.58
CA CYS B 297 -12.83 4.52 13.07
C CYS B 297 -12.15 4.66 14.49
N ARG B 298 -12.11 3.56 15.26
CA ARG B 298 -11.47 3.55 16.59
C ARG B 298 -9.98 3.41 16.57
N THR B 299 -9.39 2.99 15.44
CA THR B 299 -7.97 2.73 15.37
C THR B 299 -7.05 3.89 15.67
N PRO B 300 -7.41 5.13 15.31
CA PRO B 300 -6.44 6.16 15.64
C PRO B 300 -6.42 6.44 17.16
N TRP B 301 -7.52 6.22 17.84
CA TRP B 301 -7.58 6.28 19.31
C TRP B 301 -6.82 5.13 19.96
N ARG B 302 -7.14 3.88 19.60
CA ARG B 302 -6.53 2.73 20.29
C ARG B 302 -5.03 2.60 20.05
N ILE B 303 -4.61 2.79 18.80
CA ILE B 303 -3.18 2.59 18.47
C ILE B 303 -2.33 3.73 19.01
N THR B 304 -2.79 4.97 18.87
CA THR B 304 -2.02 6.11 19.33
C THR B 304 -1.76 6.05 20.85
N THR B 305 -2.70 5.44 21.57
CA THR B 305 -2.57 5.36 23.04
C THR B 305 -1.27 4.70 23.50
N ASP B 306 -0.84 3.67 22.74
CA ASP B 306 0.42 3.02 23.12
C ASP B 306 1.61 3.97 22.99
N TYR B 307 1.61 4.75 21.91
CA TYR B 307 2.69 5.69 21.68
C TYR B 307 2.67 6.74 22.82
N LEU B 308 1.50 7.29 23.11
CA LEU B 308 1.39 8.31 24.13
C LEU B 308 1.85 7.82 25.54
N MET B 309 1.54 6.56 25.86
CA MET B 309 1.85 6.00 27.21
C MET B 309 3.26 5.54 27.33
N THR B 310 3.88 5.20 26.20
CA THR B 310 5.21 4.46 26.29
C THR B 310 6.32 4.98 25.42
N GLY B 311 6.00 5.76 24.40
CA GLY B 311 7.05 6.14 23.46
C GLY B 311 7.28 5.11 22.39
N ASP B 312 6.48 4.01 22.40
CA ASP B 312 6.69 2.94 21.40
C ASP B 312 6.38 3.54 20.04
N SER B 313 7.34 3.55 19.13
CA SER B 313 7.10 4.25 17.90
C SER B 313 6.82 3.35 16.71
N ARG B 314 6.45 2.09 16.95
CA ARG B 314 6.31 1.13 15.84
C ARG B 314 5.16 1.43 14.85
N ALA B 315 4.15 2.23 15.28
CA ALA B 315 3.09 2.70 14.39
C ALA B 315 3.15 4.18 14.10
N LEU B 316 4.25 4.83 14.44
CA LEU B 316 4.23 6.27 14.32
C LEU B 316 4.15 6.76 12.89
N ASN B 317 4.85 6.10 11.93
CA ASN B 317 4.70 6.49 10.54
C ASN B 317 3.26 6.36 10.02
N GLN B 318 2.59 5.30 10.42
CA GLN B 318 1.21 5.05 10.05
C GLN B 318 0.26 6.10 10.60
N LEU B 319 0.41 6.38 11.88
CA LEU B 319 -0.39 7.42 12.55
C LEU B 319 -0.14 8.78 11.89
N ASN B 320 1.15 9.09 11.65
CA ASN B 320 1.50 10.34 11.02
C ASN B 320 0.95 10.49 9.65
N GLN B 321 0.86 9.37 8.88
CA GLN B 321 0.31 9.42 7.55
C GLN B 321 -1.17 9.73 7.69
N MET B 322 -1.84 9.10 8.66
CA MET B 322 -3.27 9.39 8.76
C MET B 322 -3.46 10.89 9.06
N ASN B 323 -2.66 11.41 9.96
CA ASN B 323 -2.82 12.83 10.40
C ASN B 323 -2.65 13.76 9.23
N SER B 324 -1.65 13.44 8.40
CA SER B 324 -1.33 14.28 7.23
C SER B 324 -2.48 14.22 6.23
N TRP B 325 -2.93 12.99 5.98
CA TRP B 325 -4.00 12.74 5.01
C TRP B 325 -5.31 13.36 5.48
N ILE B 326 -5.79 13.05 6.73
CA ILE B 326 -7.13 13.48 7.03
C ILE B 326 -7.18 15.01 7.09
N SER B 327 -6.16 15.59 7.69
CA SER B 327 -6.22 17.06 7.93
C SER B 327 -6.27 17.77 6.58
N ALA B 328 -5.57 17.22 5.58
CA ALA B 328 -5.63 17.86 4.27
C ALA B 328 -6.94 17.56 3.59
N LYS B 329 -7.38 16.30 3.69
CA LYS B 329 -8.65 15.88 3.06
C LYS B 329 -9.82 16.79 3.44
N VAL B 330 -9.84 17.18 4.72
CA VAL B 330 -10.95 17.99 5.22
C VAL B 330 -10.62 19.47 5.29
N SER B 331 -9.49 19.86 4.74
CA SER B 331 -9.01 21.26 4.82
C SER B 331 -9.02 21.78 6.30
N GLY B 332 -8.63 20.90 7.22
CA GLY B 332 -8.63 21.22 8.64
C GLY B 332 -9.95 21.40 9.33
N ASN B 333 -11.04 21.07 8.67
CA ASN B 333 -12.37 21.22 9.23
C ASN B 333 -12.95 19.88 9.63
N PRO B 334 -13.00 19.60 10.94
CA PRO B 334 -13.49 18.32 11.43
C PRO B 334 -14.91 18.04 11.05
N SER B 335 -15.67 19.07 10.73
CA SER B 335 -17.05 18.84 10.29
C SER B 335 -17.10 18.20 8.93
N ASN B 336 -16.04 18.29 8.13
CA ASN B 336 -15.98 17.61 6.83
C ASN B 336 -15.56 16.10 6.92
N VAL B 337 -15.19 15.64 8.11
CA VAL B 337 -14.88 14.23 8.28
C VAL B 337 -16.17 13.41 8.02
N LYS B 338 -16.06 12.35 7.27
CA LYS B 338 -17.16 11.53 6.90
C LYS B 338 -17.09 10.18 7.58
N ASP B 339 -18.27 9.53 7.71
CA ASP B 339 -18.35 8.23 8.39
C ASP B 339 -18.03 7.06 7.48
N GLY B 340 -16.91 7.15 6.82
CA GLY B 340 -16.39 6.02 6.03
C GLY B 340 -15.51 6.48 4.93
N TYR B 341 -14.38 5.81 4.76
CA TYR B 341 -13.47 6.03 3.64
C TYR B 341 -13.02 4.70 3.10
N LYS B 342 -12.80 4.63 1.79
CA LYS B 342 -11.98 3.56 1.27
C LYS B 342 -10.55 3.74 1.78
N LEU B 343 -9.77 2.68 1.71
CA LEU B 343 -8.37 2.76 2.11
C LEU B 343 -7.53 3.79 1.35
N ASN B 344 -7.96 4.09 0.12
CA ASN B 344 -7.25 5.08 -0.65
C ASN B 344 -7.77 6.51 -0.42
N GLY B 345 -8.66 6.70 0.55
CA GLY B 345 -9.10 7.98 1.02
C GLY B 345 -10.35 8.46 0.28
N THR B 346 -10.92 7.66 -0.64
CA THR B 346 -12.18 8.01 -1.28
C THR B 346 -13.27 7.94 -0.28
N VAL B 347 -14.18 8.92 -0.30
CA VAL B 347 -15.28 8.91 0.67
C VAL B 347 -16.32 7.81 0.43
N THR B 348 -16.73 7.13 1.47
CA THR B 348 -17.85 6.18 1.45
C THR B 348 -18.92 6.62 2.33
N GLY B 349 -18.62 7.39 3.35
CA GLY B 349 -19.67 7.76 4.27
C GLY B 349 -20.60 8.82 3.79
N SER B 350 -21.75 8.92 4.42
CA SER B 350 -22.73 9.91 4.03
C SER B 350 -22.83 11.16 4.90
N GLY B 351 -22.16 11.20 6.06
CA GLY B 351 -22.25 12.36 6.89
C GLY B 351 -21.18 12.38 7.97
N GLY B 352 -21.33 13.37 8.84
CA GLY B 352 -20.38 13.61 9.90
C GLY B 352 -20.65 12.63 11.00
N SER B 353 -19.63 12.35 11.82
CA SER B 353 -19.80 11.47 12.95
C SER B 353 -18.68 11.65 13.93
N GLY B 354 -19.02 11.81 15.20
CA GLY B 354 -17.98 11.91 16.20
C GLY B 354 -17.21 10.60 16.38
N ALA B 355 -17.82 9.47 16.03
CA ALA B 355 -17.08 8.20 16.06
C ALA B 355 -15.87 8.27 15.12
N PHE B 356 -15.96 9.08 14.07
CA PHE B 356 -14.88 9.24 13.12
C PHE B 356 -13.98 10.46 13.36
N TYR B 357 -14.55 11.64 13.67
CA TYR B 357 -13.62 12.74 13.84
C TYR B 357 -12.81 12.67 15.15
N ALA B 358 -13.45 12.24 16.22
CA ALA B 358 -12.83 12.39 17.50
C ALA B 358 -11.57 11.56 17.65
N PRO B 359 -11.52 10.31 17.10
CA PRO B 359 -10.24 9.54 17.20
C PRO B 359 -9.09 10.15 16.44
N PHE B 360 -9.42 10.93 15.43
CA PHE B 360 -8.36 11.72 14.73
C PHE B 360 -7.79 12.80 15.56
N GLY B 361 -8.53 13.29 16.55
CA GLY B 361 -7.98 14.19 17.51
C GLY B 361 -6.88 13.50 18.34
N VAL B 362 -7.13 12.26 18.70
CA VAL B 362 -6.16 11.44 19.40
C VAL B 362 -4.90 11.24 18.60
N SER B 363 -4.99 10.77 17.35
CA SER B 363 -3.81 10.59 16.64
C SER B 363 -3.04 11.87 16.34
N ALA B 364 -3.78 12.98 16.19
CA ALA B 364 -3.16 14.33 15.95
C ALA B 364 -2.11 14.63 17.06
N MET B 365 -2.24 13.97 18.21
CA MET B 365 -1.40 14.24 19.38
C MET B 365 0.06 13.77 19.20
N THR B 366 0.36 13.08 18.12
CA THR B 366 1.70 12.60 17.94
C THR B 366 2.68 13.70 17.58
N SER B 367 2.21 14.85 17.08
CA SER B 367 3.19 15.83 16.58
C SER B 367 2.70 17.24 16.74
N SER B 368 3.61 18.15 17.13
CA SER B 368 3.26 19.54 17.19
C SER B 368 2.83 20.15 15.89
N VAL B 369 3.17 19.50 14.75
CA VAL B 369 2.75 20.01 13.47
C VAL B 369 1.23 20.01 13.35
N ASN B 370 0.55 19.19 14.12
CA ASN B 370 -0.91 19.07 14.09
C ASN B 370 -1.65 20.01 15.08
N GLN B 371 -0.96 20.96 15.69
CA GLN B 371 -1.55 21.71 16.83
C GLN B 371 -2.92 22.30 16.45
N ASN B 372 -3.00 22.91 15.28
CA ASN B 372 -4.21 23.58 14.90
C ASN B 372 -5.39 22.57 14.67
N TRP B 373 -5.05 21.47 14.01
CA TRP B 373 -5.97 20.40 13.76
C TRP B 373 -6.50 19.75 15.01
N LEU B 374 -5.58 19.40 15.91
CA LEU B 374 -5.97 18.95 17.22
C LEU B 374 -6.89 19.91 17.91
N ASN B 375 -6.53 21.18 17.95
CA ASN B 375 -7.39 22.19 18.56
C ASN B 375 -8.78 22.18 17.93
N SER B 376 -8.81 22.01 16.64
CA SER B 376 -10.11 21.99 15.93
C SER B 376 -10.93 20.78 16.27
N VAL B 377 -10.31 19.60 16.29
CA VAL B 377 -11.03 18.37 16.67
C VAL B 377 -11.53 18.45 18.12
N TRP B 378 -10.66 19.00 18.96
CA TRP B 378 -11.10 19.25 20.34
C TRP B 378 -12.37 20.06 20.38
N THR B 379 -12.35 21.21 19.77
CA THR B 379 -13.52 22.08 19.77
C THR B 379 -14.80 21.42 19.26
N LYS B 380 -14.66 20.74 18.14
CA LYS B 380 -15.79 19.98 17.56
C LYS B 380 -16.33 18.97 18.52
N THR B 381 -15.45 18.20 19.16
CA THR B 381 -15.87 17.10 19.98
C THR B 381 -16.52 17.58 21.25
N ALA B 382 -15.86 18.53 21.85
CA ALA B 382 -16.35 19.08 23.12
C ALA B 382 -17.65 19.82 22.96
N GLY B 383 -17.84 20.47 21.81
CA GLY B 383 -19.02 21.24 21.52
C GLY B 383 -20.18 20.44 20.96
N SER B 384 -19.97 19.17 20.68
CA SER B 384 -20.95 18.36 19.95
C SER B 384 -22.14 18.04 20.87
N SER B 385 -23.27 17.72 20.24
CA SER B 385 -24.40 17.13 20.94
C SER B 385 -24.30 15.67 20.91
N ASN B 386 -25.12 15.05 21.73
CA ASN B 386 -25.17 13.58 21.78
C ASN B 386 -25.68 13.05 20.45
N GLU B 387 -24.96 12.09 19.89
CA GLU B 387 -25.29 11.47 18.65
C GLU B 387 -25.79 10.06 18.82
N GLY B 388 -25.60 9.42 19.96
CA GLY B 388 -25.92 8.02 20.14
C GLY B 388 -24.84 7.31 20.91
N TYR B 389 -25.12 6.10 21.35
CA TYR B 389 -24.18 5.35 22.24
C TYR B 389 -22.75 5.30 21.67
N TYR B 390 -22.66 4.92 20.41
CA TYR B 390 -21.36 4.59 19.89
C TYR B 390 -20.48 5.80 19.68
N GLU B 391 -21.00 6.77 18.98
CA GLU B 391 -20.34 8.05 18.81
C GLU B 391 -20.04 8.74 20.15
N ASP B 392 -21.01 8.76 21.06
CA ASP B 392 -20.79 9.44 22.35
C ASP B 392 -19.70 8.74 23.21
N SER B 393 -19.62 7.42 23.11
CA SER B 393 -18.62 6.68 23.87
C SER B 393 -17.23 7.00 23.33
N ILE B 394 -17.10 6.92 22.01
CA ILE B 394 -15.85 7.22 21.35
C ILE B 394 -15.45 8.66 21.59
N LYS B 395 -16.36 9.59 21.49
CA LYS B 395 -16.01 10.98 21.79
C LYS B 395 -15.52 11.15 23.22
N LEU B 396 -16.19 10.45 24.15
CA LEU B 396 -15.81 10.57 25.56
C LEU B 396 -14.39 10.08 25.78
N PHE B 397 -14.06 8.89 25.31
CA PHE B 397 -12.70 8.38 25.50
C PHE B 397 -11.72 9.28 24.77
N SER B 398 -12.07 9.81 23.60
CA SER B 398 -11.15 10.63 22.89
C SER B 398 -10.84 11.92 23.62
N MET B 399 -11.82 12.43 24.34
CA MET B 399 -11.65 13.64 25.14
C MET B 399 -10.88 13.33 26.40
N ILE B 400 -11.07 12.16 26.98
CA ILE B 400 -10.26 11.77 28.13
C ILE B 400 -8.81 11.72 27.74
N VAL B 401 -8.52 11.16 26.56
CA VAL B 401 -7.17 11.14 26.06
C VAL B 401 -6.63 12.52 25.72
N MET B 402 -7.40 13.29 24.90
CA MET B 402 -6.92 14.58 24.40
C MET B 402 -6.64 15.52 25.61
N SER B 403 -7.47 15.42 26.62
CA SER B 403 -7.33 16.28 27.78
C SER B 403 -6.17 15.92 28.68
N GLY B 404 -5.54 14.76 28.47
CA GLY B 404 -4.41 14.36 29.29
C GLY B 404 -4.80 13.58 30.48
N ASN B 405 -5.96 12.89 30.42
CA ASN B 405 -6.48 12.25 31.58
C ASN B 405 -6.57 10.73 31.53
N TRP B 406 -6.05 10.13 30.48
CA TRP B 406 -6.00 8.72 30.32
C TRP B 406 -4.83 8.20 31.17
N TRP B 407 -4.97 6.99 31.70
CA TRP B 407 -3.86 6.41 32.47
C TRP B 407 -3.98 4.90 32.35
N THR B 408 -2.89 4.19 32.69
CA THR B 408 -2.83 2.76 32.47
C THR B 408 -2.37 2.01 33.73
N TYR B 409 -2.40 0.69 33.70
CA TYR B 409 -2.08 -0.11 34.90
C TYR B 409 -0.57 0.04 35.29
#